data_1N31
#
_entry.id   1N31
#
_cell.length_a   62.681
_cell.length_b   65.843
_cell.length_c   172.563
_cell.angle_alpha   90.00
_cell.angle_beta   90.00
_cell.angle_gamma   90.00
#
_symmetry.space_group_name_H-M   'P 21 21 21'
#
loop_
_entity.id
_entity.type
_entity.pdbx_description
1 polymer 'L-cysteine/cystine lyase C-DES'
2 non-polymer 'POTASSIUM ION'
3 non-polymer "PYRIDOXAL-5'-PHOSPHATE"
4 non-polymer CYSTEINE
5 water water
#
_entity_poly.entity_id   1
_entity_poly.type   'polypeptide(L)'
_entity_poly.pdbx_seq_one_letter_code
;TPDRHQFPGLANKTYFNFGGQGILPTVALEAITAMYGYLQENGPFSIAANQHIQQLIAQLRQALAETFNVDPNTITITDN
VTTGCDIVLWGLDWHQGDEILLTDCEHPGIIAIVQAIAARFGITYRFFPVAATLNQGDAAAVLANHLGPKTRLVILSHLL
WNTGQVLPLAEIMAVCRRHQGNYPVRVLVDGAQSAGSLPLDFSRLEVDYYAFTGHAWFAGPAGVGGLYIHGDCLGEINPT
YVGWRSITYGAKGEPTGWAEGGKRFEVATSAYPQYAGLLAALQLHQRQGTAEERYQAICQRSEFLWRGLNQLPHVHCLAT
SAPQAGLVSFTVDSPLGHRAIVQKLEEQRIYLRTIADPDCIRACCHYITDEEEINHLLARLADFGP
;
_entity_poly.pdbx_strand_id   A,B
#
loop_
_chem_comp.id
_chem_comp.type
_chem_comp.name
_chem_comp.formula
K non-polymer 'POTASSIUM ION' 'K 1'
PLP non-polymer PYRIDOXAL-5'-PHOSPHATE 'C8 H10 N O6 P'
#
# COMPACT_ATOMS: atom_id res chain seq x y z
N THR A 1 15.86 5.83 31.68
CA THR A 1 14.50 6.22 32.22
C THR A 1 13.61 6.65 31.06
N PRO A 2 12.67 5.79 30.67
CA PRO A 2 11.73 6.06 29.57
C PRO A 2 10.68 7.12 29.85
N ASP A 3 10.40 7.93 28.85
CA ASP A 3 9.42 9.00 28.98
C ASP A 3 8.04 8.47 28.54
N ARG A 4 7.36 7.80 29.46
CA ARG A 4 6.06 7.19 29.20
C ARG A 4 4.97 8.15 28.75
N HIS A 5 5.12 9.41 29.14
CA HIS A 5 4.14 10.42 28.81
C HIS A 5 4.07 10.68 27.31
N GLN A 6 5.13 10.32 26.59
CA GLN A 6 5.16 10.50 25.13
C GLN A 6 4.19 9.53 24.46
N PHE A 7 3.78 8.49 25.19
CA PHE A 7 2.85 7.46 24.69
C PHE A 7 1.58 7.49 25.51
N PRO A 8 0.69 8.45 25.24
CA PRO A 8 -0.57 8.60 25.98
C PRO A 8 -1.46 7.36 26.05
N GLY A 9 -1.32 6.47 25.07
CA GLY A 9 -2.11 5.26 25.07
C GLY A 9 -1.83 4.32 26.25
N LEU A 10 -0.67 4.47 26.87
CA LEU A 10 -0.29 3.63 28.02
C LEU A 10 -1.25 3.78 29.21
N ALA A 11 -1.70 5.01 29.47
CA ALA A 11 -2.58 5.29 30.60
C ALA A 11 -3.94 4.58 30.48
N ASN A 12 -4.54 4.30 31.63
CA ASN A 12 -5.84 3.61 31.70
C ASN A 12 -6.00 2.29 31.00
N LYS A 13 -4.89 1.56 30.84
CA LYS A 13 -4.92 0.22 30.27
C LYS A 13 -3.58 -0.44 30.57
N THR A 14 -3.51 -1.76 30.39
CA THR A 14 -2.27 -2.50 30.60
C THR A 14 -1.93 -3.19 29.25
N TYR A 15 -1.14 -2.51 28.41
CA TYR A 15 -0.81 -3.01 27.08
C TYR A 15 0.41 -3.88 26.93
N PHE A 16 0.19 -5.05 26.33
CA PHE A 16 1.28 -5.98 26.10
C PHE A 16 1.20 -6.50 24.66
N ASN A 17 0.64 -5.70 23.76
CA ASN A 17 0.55 -6.11 22.37
C ASN A 17 1.40 -5.35 21.37
N PHE A 18 2.56 -4.85 21.81
CA PHE A 18 3.47 -4.10 20.94
C PHE A 18 3.81 -4.84 19.63
N GLY A 19 3.94 -6.17 19.74
CA GLY A 19 4.27 -6.99 18.58
C GLY A 19 3.14 -7.03 17.54
N GLY A 20 1.94 -6.64 17.93
CA GLY A 20 0.81 -6.61 17.01
C GLY A 20 0.83 -5.21 16.41
N GLN A 21 0.79 -4.20 17.27
CA GLN A 21 0.89 -2.81 16.87
C GLN A 21 1.33 -2.02 18.11
N GLY A 22 2.29 -1.13 17.92
CA GLY A 22 2.77 -0.33 19.03
C GLY A 22 1.86 0.83 19.36
N ILE A 23 2.00 1.37 20.57
CA ILE A 23 1.22 2.52 20.99
C ILE A 23 1.80 3.73 20.27
N LEU A 24 0.94 4.51 19.61
CA LEU A 24 1.39 5.65 18.84
C LEU A 24 1.84 6.85 19.71
N PRO A 25 3.08 7.31 19.53
CA PRO A 25 3.57 8.45 20.32
C PRO A 25 2.94 9.75 19.86
N THR A 26 2.78 10.68 20.80
CA THR A 26 2.19 11.99 20.49
C THR A 26 2.84 12.65 19.29
N VAL A 27 4.18 12.69 19.29
CA VAL A 27 4.90 13.31 18.19
C VAL A 27 4.52 12.71 16.83
N ALA A 28 4.13 11.45 16.80
CA ALA A 28 3.78 10.83 15.52
C ALA A 28 2.40 11.34 15.10
N LEU A 29 1.46 11.40 16.05
CA LEU A 29 0.13 11.90 15.73
C LEU A 29 0.24 13.36 15.25
N GLU A 30 1.09 14.14 15.90
CA GLU A 30 1.31 15.54 15.51
C GLU A 30 1.84 15.65 14.06
N ALA A 31 2.86 14.87 13.74
CA ALA A 31 3.44 14.92 12.39
C ALA A 31 2.41 14.52 11.31
N ILE A 32 1.53 13.58 11.64
CA ILE A 32 0.50 13.13 10.71
C ILE A 32 -0.49 14.27 10.47
N THR A 33 -0.96 14.88 11.54
CA THR A 33 -1.91 15.98 11.43
C THR A 33 -1.28 17.19 10.73
N ALA A 34 -0.03 17.50 11.05
CA ALA A 34 0.65 18.61 10.40
C ALA A 34 0.76 18.40 8.89
N MET A 35 1.00 17.16 8.46
CA MET A 35 1.14 16.88 7.02
C MET A 35 -0.16 17.12 6.27
N TYR A 36 -1.28 16.75 6.88
CA TYR A 36 -2.59 16.99 6.25
C TYR A 36 -2.81 18.49 6.11
N GLY A 37 -2.37 19.25 7.12
CA GLY A 37 -2.51 20.69 7.10
C GLY A 37 -1.63 21.33 6.06
N TYR A 38 -0.45 20.76 5.84
CA TYR A 38 0.45 21.34 4.83
C TYR A 38 -0.14 21.12 3.43
N LEU A 39 -0.70 19.93 3.20
CA LEU A 39 -1.28 19.61 1.90
C LEU A 39 -2.52 20.46 1.64
N GLN A 40 -3.31 20.71 2.68
CA GLN A 40 -4.50 21.53 2.48
C GLN A 40 -4.12 22.98 2.18
N GLU A 41 -3.13 23.49 2.90
CA GLU A 41 -2.68 24.86 2.74
C GLU A 41 -1.93 25.11 1.45
N ASN A 42 -1.15 24.14 1.03
CA ASN A 42 -0.30 24.31 -0.14
C ASN A 42 -0.64 23.52 -1.38
N GLY A 43 -1.64 22.66 -1.29
CA GLY A 43 -2.00 21.89 -2.47
C GLY A 43 -3.45 21.44 -2.47
N PRO A 44 -3.73 20.14 -2.28
CA PRO A 44 -2.79 19.04 -2.04
C PRO A 44 -1.92 18.55 -3.20
N PHE A 45 -2.27 18.93 -4.43
CA PHE A 45 -1.48 18.54 -5.61
C PHE A 45 -0.92 19.84 -6.20
N SER A 46 0.40 19.96 -6.22
CA SER A 46 1.02 21.17 -6.74
C SER A 46 2.55 21.04 -6.70
N ILE A 47 3.24 22.05 -7.23
CA ILE A 47 4.69 22.07 -7.23
C ILE A 47 5.18 22.00 -5.76
N ALA A 48 4.74 22.95 -4.94
CA ALA A 48 5.17 22.99 -3.56
C ALA A 48 4.79 21.73 -2.78
N ALA A 49 3.56 21.25 -2.95
CA ALA A 49 3.16 20.05 -2.24
C ALA A 49 3.95 18.81 -2.72
N ASN A 50 4.10 18.66 -4.04
CA ASN A 50 4.84 17.50 -4.54
C ASN A 50 6.30 17.52 -4.10
N GLN A 51 6.89 18.71 -3.96
CA GLN A 51 8.27 18.81 -3.52
C GLN A 51 8.39 18.40 -2.06
N HIS A 52 7.46 18.92 -1.25
CA HIS A 52 7.43 18.63 0.19
C HIS A 52 7.28 17.11 0.44
N ILE A 53 6.51 16.43 -0.40
CA ILE A 53 6.31 15.00 -0.28
C ILE A 53 7.60 14.28 -0.65
N GLN A 54 8.20 14.65 -1.78
CA GLN A 54 9.45 14.00 -2.19
C GLN A 54 10.52 14.18 -1.13
N GLN A 55 10.55 15.36 -0.49
CA GLN A 55 11.53 15.60 0.58
C GLN A 55 11.21 14.72 1.80
N LEU A 56 9.92 14.60 2.11
CA LEU A 56 9.51 13.76 3.24
C LEU A 56 9.95 12.31 2.99
N ILE A 57 9.69 11.81 1.79
CA ILE A 57 10.05 10.45 1.45
C ILE A 57 11.57 10.18 1.61
N ALA A 58 12.38 11.16 1.17
CA ALA A 58 13.83 11.05 1.25
C ALA A 58 14.28 11.02 2.69
N GLN A 59 13.65 11.85 3.53
CA GLN A 59 13.98 11.90 4.96
C GLN A 59 13.66 10.58 5.67
N LEU A 60 12.53 9.96 5.34
CA LEU A 60 12.21 8.70 5.97
C LEU A 60 13.16 7.61 5.48
N ARG A 61 13.48 7.61 4.18
CA ARG A 61 14.39 6.60 3.61
C ARG A 61 15.76 6.69 4.30
N GLN A 62 16.18 7.91 4.60
CA GLN A 62 17.46 8.12 5.24
C GLN A 62 17.44 7.71 6.71
N ALA A 63 16.36 8.03 7.42
CA ALA A 63 16.28 7.69 8.83
C ALA A 63 16.28 6.16 8.98
N LEU A 64 15.65 5.46 8.03
CA LEU A 64 15.60 3.99 8.08
C LEU A 64 17.01 3.46 7.74
N ALA A 65 17.64 4.06 6.73
CA ALA A 65 18.98 3.67 6.34
C ALA A 65 19.91 3.79 7.55
N GLU A 66 19.85 4.91 8.24
CA GLU A 66 20.69 5.12 9.42
C GLU A 66 20.37 4.14 10.53
N THR A 67 19.10 3.78 10.66
CA THR A 67 18.65 2.87 11.69
C THR A 67 19.38 1.52 11.64
N PHE A 68 19.60 1.01 10.43
CA PHE A 68 20.27 -0.27 10.20
C PHE A 68 21.73 -0.11 9.72
N ASN A 69 22.21 1.13 9.72
CA ASN A 69 23.58 1.44 9.31
C ASN A 69 23.93 0.99 7.89
N VAL A 70 23.07 1.35 6.94
CA VAL A 70 23.31 1.00 5.55
C VAL A 70 23.09 2.22 4.67
N ASP A 71 23.30 2.04 3.37
CA ASP A 71 23.13 3.12 2.44
C ASP A 71 21.67 3.27 2.02
N PRO A 72 21.20 4.53 1.85
CA PRO A 72 19.82 4.85 1.45
C PRO A 72 19.39 4.03 0.23
N ASN A 73 20.36 3.72 -0.63
CA ASN A 73 20.08 2.94 -1.85
C ASN A 73 19.57 1.54 -1.62
N THR A 74 19.85 0.96 -0.45
CA THR A 74 19.41 -0.39 -0.14
C THR A 74 18.02 -0.44 0.51
N ILE A 75 17.43 0.72 0.78
CA ILE A 75 16.12 0.79 1.44
C ILE A 75 14.92 1.08 0.54
N THR A 76 13.91 0.21 0.61
CA THR A 76 12.67 0.39 -0.15
C THR A 76 11.62 0.67 0.92
N ILE A 77 10.69 1.57 0.62
CA ILE A 77 9.60 1.89 1.53
C ILE A 77 8.33 1.14 1.06
N THR A 78 7.69 0.43 1.99
CA THR A 78 6.48 -0.34 1.67
C THR A 78 5.40 0.03 2.68
N ASP A 79 4.34 -0.77 2.74
CA ASP A 79 3.27 -0.48 3.70
C ASP A 79 3.29 -1.44 4.89
N ASN A 80 4.12 -2.48 4.81
CA ASN A 80 4.11 -3.50 5.86
C ASN A 80 5.19 -4.56 5.60
N VAL A 81 5.36 -5.49 6.53
CA VAL A 81 6.35 -6.55 6.37
C VAL A 81 6.10 -7.45 5.15
N THR A 82 4.86 -7.90 5.00
CA THR A 82 4.51 -8.82 3.94
C THR A 82 4.86 -8.38 2.52
N THR A 83 4.61 -7.11 2.21
CA THR A 83 4.94 -6.55 0.90
C THR A 83 6.44 -6.69 0.58
N GLY A 84 7.29 -6.51 1.59
CA GLY A 84 8.72 -6.65 1.35
C GLY A 84 9.01 -8.08 0.92
N CYS A 85 8.35 -9.04 1.57
CA CYS A 85 8.52 -10.45 1.23
C CYS A 85 7.99 -10.73 -0.20
N ASP A 86 6.88 -10.11 -0.58
CA ASP A 86 6.33 -10.30 -1.94
C ASP A 86 7.30 -9.80 -2.99
N ILE A 87 7.95 -8.68 -2.69
CA ILE A 87 8.93 -8.09 -3.61
C ILE A 87 10.10 -9.03 -3.90
N VAL A 88 10.66 -9.63 -2.86
CA VAL A 88 11.79 -10.54 -3.03
C VAL A 88 11.38 -11.83 -3.71
N LEU A 89 10.32 -12.44 -3.21
CA LEU A 89 9.84 -13.69 -3.76
C LEU A 89 9.39 -13.61 -5.23
N TRP A 90 8.59 -12.62 -5.57
CA TRP A 90 8.16 -12.51 -6.96
C TRP A 90 9.26 -11.97 -7.87
N GLY A 91 10.29 -11.39 -7.28
CA GLY A 91 11.36 -10.82 -8.11
C GLY A 91 12.45 -11.78 -8.56
N LEU A 92 12.60 -12.89 -7.86
CA LEU A 92 13.62 -13.88 -8.18
C LEU A 92 13.30 -14.64 -9.47
N ASP A 93 14.34 -14.95 -10.23
CA ASP A 93 14.19 -15.66 -11.50
C ASP A 93 14.09 -17.18 -11.29
N TRP A 94 12.96 -17.60 -10.72
CA TRP A 94 12.69 -19.00 -10.41
C TRP A 94 12.68 -19.94 -11.62
N HIS A 95 13.18 -21.14 -11.38
CA HIS A 95 13.21 -22.19 -12.38
C HIS A 95 12.51 -23.42 -11.85
N GLN A 96 11.75 -24.07 -12.73
CA GLN A 96 11.00 -25.26 -12.41
C GLN A 96 11.91 -26.23 -11.68
N GLY A 97 11.52 -26.62 -10.46
CA GLY A 97 12.34 -27.53 -9.69
C GLY A 97 13.16 -26.90 -8.57
N ASP A 98 13.31 -25.56 -8.60
CA ASP A 98 14.06 -24.89 -7.55
C ASP A 98 13.33 -25.13 -6.23
N GLU A 99 14.04 -25.08 -5.10
CA GLU A 99 13.43 -25.33 -3.80
C GLU A 99 13.60 -24.21 -2.78
N ILE A 100 12.57 -24.01 -1.97
CA ILE A 100 12.60 -23.00 -0.91
C ILE A 100 12.47 -23.70 0.45
N LEU A 101 13.28 -23.32 1.43
CA LEU A 101 13.16 -23.89 2.77
C LEU A 101 12.66 -22.81 3.73
N LEU A 102 11.63 -23.13 4.53
CA LEU A 102 11.07 -22.21 5.53
C LEU A 102 11.05 -22.91 6.87
N THR A 103 11.19 -22.16 7.96
CA THR A 103 11.16 -22.76 9.29
C THR A 103 9.70 -23.09 9.55
N ASP A 104 9.44 -23.88 10.59
CA ASP A 104 8.07 -24.24 10.91
C ASP A 104 7.38 -23.18 11.80
N CYS A 105 7.94 -21.98 11.84
CA CYS A 105 7.41 -20.89 12.64
C CYS A 105 7.18 -19.61 11.83
N GLU A 106 6.95 -19.75 10.54
CA GLU A 106 6.73 -18.57 9.73
C GLU A 106 5.25 -18.21 9.65
N HIS A 107 5.01 -16.93 9.42
CA HIS A 107 3.67 -16.37 9.33
C HIS A 107 2.86 -17.01 8.19
N PRO A 108 1.57 -17.30 8.43
CA PRO A 108 0.74 -17.91 7.38
C PRO A 108 0.65 -17.08 6.09
N GLY A 109 0.80 -15.76 6.22
CA GLY A 109 0.76 -14.89 5.06
C GLY A 109 1.96 -15.15 4.14
N ILE A 110 3.13 -15.31 4.74
CA ILE A 110 4.37 -15.58 4.01
C ILE A 110 4.27 -16.94 3.30
N ILE A 111 3.86 -17.96 4.04
CA ILE A 111 3.68 -19.29 3.48
C ILE A 111 2.74 -19.19 2.24
N ALA A 112 1.71 -18.35 2.34
CA ALA A 112 0.77 -18.20 1.22
C ALA A 112 1.46 -17.69 -0.05
N ILE A 113 2.42 -16.78 0.10
CA ILE A 113 3.14 -16.27 -1.06
C ILE A 113 3.95 -17.42 -1.70
N VAL A 114 4.68 -18.15 -0.86
CA VAL A 114 5.47 -19.29 -1.33
C VAL A 114 4.61 -20.30 -2.10
N GLN A 115 3.38 -20.53 -1.66
CA GLN A 115 2.50 -21.48 -2.35
C GLN A 115 2.10 -20.91 -3.71
N ALA A 116 1.86 -19.61 -3.74
CA ALA A 116 1.51 -18.93 -4.97
C ALA A 116 2.69 -18.99 -5.95
N ILE A 117 3.91 -18.88 -5.44
CA ILE A 117 5.09 -18.94 -6.28
C ILE A 117 5.28 -20.36 -6.81
N ALA A 118 5.16 -21.35 -5.92
CA ALA A 118 5.31 -22.75 -6.31
C ALA A 118 4.39 -23.07 -7.47
N ALA A 119 3.13 -22.64 -7.36
CA ALA A 119 2.15 -22.90 -8.40
C ALA A 119 2.45 -22.14 -9.70
N ARG A 120 3.16 -21.02 -9.61
CA ARG A 120 3.45 -20.23 -10.81
C ARG A 120 4.72 -20.61 -11.55
N PHE A 121 5.76 -20.97 -10.81
CA PHE A 121 7.01 -21.34 -11.44
C PHE A 121 7.36 -22.80 -11.29
N GLY A 122 6.48 -23.57 -10.66
CA GLY A 122 6.77 -24.99 -10.48
C GLY A 122 7.93 -25.26 -9.53
N ILE A 123 8.14 -24.38 -8.56
CA ILE A 123 9.21 -24.60 -7.60
C ILE A 123 8.59 -25.42 -6.47
N THR A 124 9.41 -25.93 -5.56
CA THR A 124 8.91 -26.71 -4.42
C THR A 124 9.37 -26.08 -3.10
N TYR A 125 8.67 -26.41 -2.01
CA TYR A 125 9.04 -25.89 -0.71
C TYR A 125 8.78 -26.93 0.38
N ARG A 126 9.55 -26.82 1.46
CA ARG A 126 9.38 -27.70 2.61
C ARG A 126 9.87 -27.00 3.86
N PHE A 127 9.36 -27.41 5.02
CA PHE A 127 9.76 -26.80 6.28
C PHE A 127 10.84 -27.56 7.02
N PHE A 128 11.56 -26.85 7.89
CA PHE A 128 12.57 -27.46 8.75
C PHE A 128 12.17 -26.97 10.14
N PRO A 129 12.16 -27.87 11.13
CA PRO A 129 11.77 -27.59 12.52
C PRO A 129 12.71 -26.73 13.39
N VAL A 130 12.21 -25.57 13.81
CA VAL A 130 13.01 -24.70 14.66
C VAL A 130 12.26 -24.45 15.97
N ALA A 131 10.94 -24.60 15.95
CA ALA A 131 10.17 -24.36 17.16
C ALA A 131 10.73 -25.11 18.36
N ALA A 132 11.10 -26.37 18.13
CA ALA A 132 11.63 -27.21 19.18
C ALA A 132 13.03 -26.83 19.61
N THR A 133 13.65 -25.84 18.95
CA THR A 133 14.98 -25.43 19.36
C THR A 133 14.96 -24.23 20.30
N LEU A 134 13.81 -23.93 20.90
CA LEU A 134 13.73 -22.81 21.84
C LEU A 134 14.64 -22.98 23.05
N ASN A 135 14.61 -24.18 23.65
CA ASN A 135 15.38 -24.47 24.85
C ASN A 135 16.57 -25.42 24.62
N GLN A 136 16.68 -26.00 23.43
CA GLN A 136 17.76 -26.93 23.13
C GLN A 136 18.00 -27.11 21.63
N GLY A 137 19.11 -27.77 21.31
CA GLY A 137 19.43 -28.01 19.91
C GLY A 137 19.98 -26.79 19.21
N ASP A 138 20.01 -26.86 17.88
CA ASP A 138 20.56 -25.78 17.09
C ASP A 138 19.85 -25.64 15.74
N ALA A 139 19.14 -24.53 15.55
CA ALA A 139 18.44 -24.30 14.30
C ALA A 139 19.38 -24.29 13.07
N ALA A 140 20.58 -23.74 13.21
CA ALA A 140 21.52 -23.74 12.08
C ALA A 140 21.81 -25.18 11.65
N ALA A 141 22.07 -26.05 12.63
CA ALA A 141 22.34 -27.48 12.35
C ALA A 141 21.11 -28.12 11.71
N VAL A 142 19.92 -27.78 12.20
CA VAL A 142 18.70 -28.35 11.62
C VAL A 142 18.68 -27.97 10.14
N LEU A 143 18.98 -26.71 9.85
CA LEU A 143 19.00 -26.25 8.47
C LEU A 143 20.04 -27.05 7.65
N ALA A 144 21.25 -27.19 8.19
CA ALA A 144 22.31 -27.94 7.51
C ALA A 144 21.80 -29.32 7.07
N ASN A 145 21.06 -29.99 7.96
CA ASN A 145 20.50 -31.31 7.68
C ASN A 145 19.34 -31.26 6.68
N HIS A 146 18.97 -30.07 6.23
CA HIS A 146 17.87 -29.94 5.26
C HIS A 146 18.30 -29.36 3.92
N LEU A 147 19.46 -28.71 3.89
CA LEU A 147 19.93 -28.12 2.65
C LEU A 147 20.10 -29.22 1.58
N GLY A 148 19.75 -28.88 0.34
CA GLY A 148 19.84 -29.82 -0.76
C GLY A 148 20.45 -29.22 -2.02
N PRO A 149 20.56 -30.01 -3.10
CA PRO A 149 21.13 -29.59 -4.39
C PRO A 149 20.42 -28.41 -5.05
N LYS A 150 19.10 -28.47 -5.04
CA LYS A 150 18.26 -27.44 -5.65
C LYS A 150 17.82 -26.32 -4.70
N THR A 151 18.28 -26.34 -3.45
CA THR A 151 17.88 -25.28 -2.52
C THR A 151 18.41 -23.93 -3.02
N ARG A 152 17.51 -22.97 -3.21
CA ARG A 152 17.90 -21.64 -3.71
C ARG A 152 17.68 -20.54 -2.68
N LEU A 153 16.58 -20.63 -1.95
CA LEU A 153 16.27 -19.64 -0.94
C LEU A 153 15.81 -20.26 0.39
N VAL A 154 16.12 -19.58 1.49
CA VAL A 154 15.69 -20.00 2.82
C VAL A 154 14.95 -18.80 3.41
N ILE A 155 13.80 -19.04 4.02
CA ILE A 155 13.03 -17.97 4.62
C ILE A 155 12.89 -18.18 6.13
N LEU A 156 13.26 -17.18 6.91
CA LEU A 156 13.16 -17.31 8.37
C LEU A 156 12.85 -15.99 9.10
N SER A 157 12.23 -16.09 10.28
CA SER A 157 11.95 -14.90 11.08
C SER A 157 13.12 -14.76 12.05
N HIS A 158 13.70 -13.56 12.14
CA HIS A 158 14.85 -13.36 13.02
C HIS A 158 14.45 -13.59 14.49
N LEU A 159 13.24 -13.16 14.82
CA LEU A 159 12.64 -13.32 16.14
C LEU A 159 11.28 -13.95 15.85
N LEU A 160 11.07 -15.15 16.36
CA LEU A 160 9.83 -15.90 16.09
C LEU A 160 8.64 -15.30 16.80
N TRP A 161 7.58 -15.02 16.04
CA TRP A 161 6.38 -14.40 16.56
C TRP A 161 5.62 -15.31 17.52
N ASN A 162 5.80 -16.62 17.38
CA ASN A 162 5.07 -17.53 18.23
C ASN A 162 5.75 -17.98 19.52
N THR A 163 7.02 -18.33 19.47
CA THR A 163 7.68 -18.79 20.69
C THR A 163 8.55 -17.75 21.37
N GLY A 164 8.94 -16.73 20.64
CA GLY A 164 9.79 -15.71 21.22
C GLY A 164 11.29 -16.00 21.12
N GLN A 165 11.68 -17.04 20.37
CA GLN A 165 13.10 -17.38 20.20
C GLN A 165 13.78 -16.46 19.18
N VAL A 166 15.03 -16.10 19.46
CA VAL A 166 15.82 -15.27 18.55
C VAL A 166 16.76 -16.25 17.81
N LEU A 167 16.51 -16.51 16.52
CA LEU A 167 17.35 -17.43 15.78
C LEU A 167 18.76 -16.90 15.61
N PRO A 168 19.76 -17.81 15.53
CA PRO A 168 21.18 -17.46 15.36
C PRO A 168 21.41 -17.16 13.87
N LEU A 169 21.04 -15.95 13.46
CA LEU A 169 21.14 -15.53 12.07
C LEU A 169 22.54 -15.59 11.48
N ALA A 170 23.54 -15.15 12.23
CA ALA A 170 24.92 -15.17 11.73
C ALA A 170 25.33 -16.62 11.39
N GLU A 171 25.09 -17.54 12.31
CA GLU A 171 25.44 -18.95 12.07
C GLU A 171 24.66 -19.51 10.87
N ILE A 172 23.38 -19.18 10.78
CA ILE A 172 22.56 -19.68 9.70
C ILE A 172 23.05 -19.16 8.36
N MET A 173 23.52 -17.92 8.34
CA MET A 173 24.03 -17.32 7.12
C MET A 173 25.30 -18.06 6.68
N ALA A 174 26.19 -18.34 7.64
CA ALA A 174 27.43 -19.02 7.32
C ALA A 174 27.12 -20.39 6.73
N VAL A 175 26.25 -21.11 7.39
CA VAL A 175 25.86 -22.43 6.92
C VAL A 175 25.39 -22.34 5.47
N CYS A 176 24.54 -21.37 5.17
CA CYS A 176 24.05 -21.20 3.80
C CYS A 176 25.18 -20.85 2.83
N ARG A 177 26.08 -19.97 3.25
CA ARG A 177 27.18 -19.57 2.41
C ARG A 177 28.15 -20.69 2.04
N ARG A 178 28.53 -21.52 3.01
CA ARG A 178 29.48 -22.58 2.70
C ARG A 178 28.91 -23.76 1.94
N HIS A 179 27.59 -23.85 1.90
CA HIS A 179 26.92 -24.93 1.18
C HIS A 179 27.21 -24.86 -0.32
N GLN A 180 27.34 -26.03 -0.96
CA GLN A 180 27.63 -26.08 -2.39
C GLN A 180 26.58 -26.89 -3.14
N GLY A 181 25.78 -26.20 -3.94
CA GLY A 181 24.74 -26.87 -4.70
C GLY A 181 24.62 -26.15 -6.02
N ASN A 182 23.50 -26.31 -6.70
CA ASN A 182 23.30 -25.66 -8.00
C ASN A 182 23.05 -24.15 -7.90
N TYR A 183 22.95 -23.64 -6.67
CA TYR A 183 22.71 -22.23 -6.46
C TYR A 183 23.35 -21.70 -5.19
N PRO A 184 23.75 -20.43 -5.19
CA PRO A 184 24.34 -19.92 -3.95
C PRO A 184 23.07 -19.68 -3.11
N VAL A 185 23.02 -20.28 -1.92
CA VAL A 185 21.86 -20.15 -1.06
C VAL A 185 21.68 -18.76 -0.43
N ARG A 186 20.55 -18.13 -0.74
CA ARG A 186 20.23 -16.79 -0.21
C ARG A 186 19.17 -16.91 0.89
N VAL A 187 19.16 -15.96 1.82
CA VAL A 187 18.21 -15.98 2.92
C VAL A 187 17.38 -14.70 3.04
N LEU A 188 16.05 -14.87 3.02
CA LEU A 188 15.12 -13.75 3.16
C LEU A 188 14.69 -13.75 4.63
N VAL A 189 14.97 -12.66 5.34
CA VAL A 189 14.60 -12.56 6.75
C VAL A 189 13.32 -11.77 7.00
N ASP A 190 12.40 -12.35 7.75
CA ASP A 190 11.16 -11.65 8.12
C ASP A 190 11.48 -11.00 9.49
N GLY A 191 11.61 -9.68 9.53
CA GLY A 191 11.91 -9.00 10.79
C GLY A 191 10.75 -8.28 11.47
N ALA A 192 9.53 -8.84 11.42
CA ALA A 192 8.36 -8.18 12.02
C ALA A 192 8.53 -7.90 13.51
N GLN A 193 9.18 -8.84 14.20
CA GLN A 193 9.41 -8.73 15.61
C GLN A 193 10.80 -8.19 15.95
N SER A 194 11.81 -8.56 15.16
CA SER A 194 13.17 -8.11 15.44
C SER A 194 13.43 -6.61 15.28
N ALA A 195 12.97 -6.02 14.18
CA ALA A 195 13.20 -4.59 13.93
C ALA A 195 12.49 -3.69 14.93
N GLY A 196 13.24 -2.81 15.60
CA GLY A 196 12.65 -1.93 16.59
C GLY A 196 12.84 -2.45 18.00
N SER A 197 13.21 -3.72 18.16
CA SER A 197 13.44 -4.25 19.50
C SER A 197 14.88 -4.75 19.59
N LEU A 198 15.32 -5.54 18.60
CA LEU A 198 16.71 -6.03 18.60
C LEU A 198 17.59 -4.98 17.92
N PRO A 199 18.83 -4.81 18.42
CA PRO A 199 19.74 -3.83 17.79
C PRO A 199 20.22 -4.48 16.51
N LEU A 200 20.02 -3.81 15.39
CA LEU A 200 20.38 -4.36 14.09
C LEU A 200 21.34 -3.47 13.29
N ASP A 201 22.45 -4.05 12.87
CA ASP A 201 23.46 -3.33 12.10
C ASP A 201 23.77 -4.23 10.90
N PHE A 202 23.24 -3.87 9.73
CA PHE A 202 23.47 -4.69 8.55
C PHE A 202 24.82 -4.47 7.89
N SER A 203 25.69 -3.69 8.51
CA SER A 203 27.02 -3.47 7.95
C SER A 203 28.00 -4.31 8.75
N ARG A 204 27.53 -4.85 9.87
CA ARG A 204 28.31 -5.68 10.76
C ARG A 204 27.70 -7.08 10.73
N LEU A 205 26.54 -7.16 10.12
CA LEU A 205 25.80 -8.41 10.03
C LEU A 205 25.48 -8.66 8.57
N GLU A 206 25.96 -9.77 8.03
CA GLU A 206 25.71 -10.10 6.63
C GLU A 206 24.27 -10.54 6.45
N VAL A 207 23.56 -9.84 5.58
CA VAL A 207 22.17 -10.12 5.30
C VAL A 207 21.90 -9.90 3.83
N ASP A 208 21.12 -10.79 3.21
CA ASP A 208 20.77 -10.64 1.81
C ASP A 208 19.52 -9.74 1.66
N TYR A 209 18.41 -10.17 2.25
CA TYR A 209 17.11 -9.47 2.21
C TYR A 209 16.47 -9.41 3.59
N TYR A 210 16.05 -8.23 4.03
CA TYR A 210 15.45 -8.11 5.35
C TYR A 210 14.18 -7.27 5.29
N ALA A 211 13.02 -7.89 5.50
CA ALA A 211 11.71 -7.19 5.44
C ALA A 211 11.25 -6.79 6.84
N PHE A 212 10.61 -5.62 6.95
CA PHE A 212 10.16 -5.15 8.25
C PHE A 212 8.98 -4.17 8.12
N THR A 213 8.44 -3.75 9.26
CA THR A 213 7.33 -2.81 9.27
C THR A 213 7.59 -1.76 10.34
N GLY A 214 6.88 -0.64 10.26
CA GLY A 214 7.10 0.40 11.25
C GLY A 214 6.03 0.49 12.32
N HIS A 215 4.95 -0.26 12.16
CA HIS A 215 3.83 -0.15 13.11
C HIS A 215 3.84 -1.05 14.33
N ALA A 216 4.88 -1.86 14.47
CA ALA A 216 4.95 -2.74 15.62
C ALA A 216 5.95 -2.14 16.62
N TRP A 217 7.12 -2.75 16.79
CA TRP A 217 8.08 -2.21 17.76
C TRP A 217 8.55 -0.76 17.53
N PHE A 218 8.61 -0.30 16.29
CA PHE A 218 9.01 1.08 16.02
C PHE A 218 7.89 2.06 16.43
N ALA A 219 6.72 1.52 16.74
CA ALA A 219 5.58 2.34 17.18
C ALA A 219 5.07 3.41 16.18
N GLY A 220 5.23 3.16 14.89
CA GLY A 220 4.71 4.07 13.89
C GLY A 220 3.24 3.75 13.63
N PRO A 221 2.55 4.48 12.74
CA PRO A 221 1.13 4.20 12.45
C PRO A 221 1.00 3.01 11.51
N ALA A 222 -0.16 2.33 11.53
CA ALA A 222 -0.38 1.21 10.63
C ALA A 222 -0.33 1.74 9.19
N GLY A 223 0.31 0.99 8.30
CA GLY A 223 0.41 1.39 6.90
C GLY A 223 1.76 1.78 6.32
N VAL A 224 2.83 1.72 7.11
CA VAL A 224 4.14 2.08 6.58
C VAL A 224 5.18 1.06 7.05
N GLY A 225 5.97 0.56 6.10
CA GLY A 225 7.01 -0.42 6.40
C GLY A 225 8.16 -0.25 5.43
N GLY A 226 9.06 -1.23 5.37
CA GLY A 226 10.18 -1.14 4.45
C GLY A 226 10.89 -2.47 4.23
N LEU A 227 11.85 -2.47 3.31
CA LEU A 227 12.62 -3.67 2.95
C LEU A 227 14.10 -3.34 2.66
N TYR A 228 15.01 -4.17 3.15
CA TYR A 228 16.41 -3.95 2.88
C TYR A 228 16.93 -5.00 1.89
N ILE A 229 17.72 -4.58 0.93
CA ILE A 229 18.28 -5.52 -0.05
C ILE A 229 19.75 -5.17 -0.20
N HIS A 230 20.62 -6.13 0.03
CA HIS A 230 22.07 -5.88 -0.10
C HIS A 230 22.38 -5.49 -1.54
N GLY A 231 23.28 -4.52 -1.70
CA GLY A 231 23.64 -4.09 -3.03
C GLY A 231 24.03 -5.20 -3.99
N ASP A 232 24.63 -6.27 -3.48
CA ASP A 232 25.02 -7.36 -4.39
C ASP A 232 23.86 -8.24 -4.83
N CYS A 233 22.73 -8.15 -4.14
CA CYS A 233 21.57 -8.95 -4.51
C CYS A 233 20.55 -8.17 -5.30
N LEU A 234 20.71 -6.85 -5.39
CA LEU A 234 19.74 -6.02 -6.10
C LEU A 234 19.46 -6.51 -7.51
N GLY A 235 20.51 -6.87 -8.23
CA GLY A 235 20.35 -7.33 -9.60
C GLY A 235 19.54 -8.59 -9.78
N GLU A 236 19.46 -9.42 -8.75
CA GLU A 236 18.70 -10.68 -8.83
C GLU A 236 17.19 -10.49 -8.68
N ILE A 237 16.78 -9.32 -8.22
CA ILE A 237 15.38 -9.04 -7.99
C ILE A 237 14.76 -8.17 -9.08
N ASN A 238 13.93 -8.78 -9.91
CA ASN A 238 13.26 -8.07 -10.98
C ASN A 238 12.02 -7.35 -10.40
N PRO A 239 11.82 -6.07 -10.73
CA PRO A 239 10.63 -5.38 -10.20
C PRO A 239 9.41 -6.13 -10.71
N THR A 240 8.35 -6.18 -9.92
CA THR A 240 7.11 -6.88 -10.29
C THR A 240 5.99 -5.84 -10.26
N TYR A 241 5.47 -5.51 -9.07
CA TYR A 241 4.46 -4.46 -9.02
C TYR A 241 5.19 -3.14 -9.14
N VAL A 242 4.97 -2.43 -10.24
CA VAL A 242 5.61 -1.15 -10.45
C VAL A 242 4.58 -0.08 -10.82
N GLY A 243 5.07 1.15 -10.91
CA GLY A 243 4.24 2.29 -11.25
C GLY A 243 5.08 3.53 -11.55
N TRP A 244 4.47 4.72 -11.46
CA TRP A 244 5.19 5.96 -11.78
C TRP A 244 6.34 6.27 -10.80
N ARG A 245 6.33 5.62 -9.64
CA ARG A 245 7.40 5.82 -8.67
C ARG A 245 8.56 4.85 -8.90
N SER A 246 8.37 3.87 -9.78
CA SER A 246 9.40 2.84 -10.06
C SER A 246 10.44 3.19 -11.13
N ILE A 247 10.11 4.14 -12.01
CA ILE A 247 10.99 4.47 -13.13
C ILE A 247 11.60 5.87 -13.25
N THR A 248 12.43 6.01 -14.28
CA THR A 248 13.05 7.29 -14.63
C THR A 248 12.30 7.66 -15.90
N TYR A 249 12.27 8.95 -16.23
CA TYR A 249 11.54 9.45 -17.39
C TYR A 249 12.34 10.10 -18.52
N GLY A 250 11.76 10.11 -19.71
CA GLY A 250 12.42 10.69 -20.88
C GLY A 250 11.89 12.06 -21.26
N ALA A 251 12.42 12.59 -22.35
CA ALA A 251 12.05 13.90 -22.87
C ALA A 251 10.55 14.09 -23.04
N LYS A 252 9.84 13.07 -23.53
CA LYS A 252 8.39 13.20 -23.71
C LYS A 252 7.58 12.61 -22.55
N GLY A 253 8.25 12.33 -21.44
CA GLY A 253 7.57 11.79 -20.27
C GLY A 253 7.40 10.28 -20.28
N GLU A 254 8.10 9.59 -21.18
CA GLU A 254 8.02 8.13 -21.29
C GLU A 254 9.05 7.43 -20.41
N PRO A 255 8.74 6.21 -19.97
CA PRO A 255 9.64 5.41 -19.12
C PRO A 255 10.94 5.13 -19.87
N THR A 256 12.08 5.32 -19.21
CA THR A 256 13.37 5.08 -19.84
C THR A 256 14.23 4.09 -19.04
N GLY A 257 13.76 3.68 -17.86
CA GLY A 257 14.54 2.76 -17.06
C GLY A 257 14.03 2.64 -15.64
N TRP A 258 14.77 1.94 -14.79
CA TRP A 258 14.37 1.78 -13.39
C TRP A 258 14.91 2.91 -12.54
N ALA A 259 14.12 3.33 -11.54
CA ALA A 259 14.57 4.37 -10.64
C ALA A 259 15.77 3.84 -9.86
N GLU A 260 16.55 4.74 -9.27
CA GLU A 260 17.74 4.35 -8.51
C GLU A 260 17.45 3.48 -7.29
N GLY A 261 18.39 2.57 -6.98
CA GLY A 261 18.26 1.69 -5.84
C GLY A 261 16.90 1.06 -5.53
N GLY A 262 16.48 1.18 -4.27
CA GLY A 262 15.21 0.60 -3.82
C GLY A 262 13.93 1.22 -4.31
N LYS A 263 14.03 2.39 -4.93
CA LYS A 263 12.87 3.11 -5.45
C LYS A 263 12.14 2.35 -6.56
N ARG A 264 12.87 1.47 -7.25
CA ARG A 264 12.28 0.70 -8.35
C ARG A 264 11.20 -0.26 -7.89
N PHE A 265 11.11 -0.50 -6.59
CA PHE A 265 10.08 -1.40 -6.06
C PHE A 265 8.93 -0.62 -5.39
N GLU A 266 8.93 0.71 -5.54
CA GLU A 266 7.87 1.53 -4.95
C GLU A 266 6.89 1.76 -6.09
N VAL A 267 5.60 1.68 -5.79
CA VAL A 267 4.60 1.75 -6.86
C VAL A 267 3.99 3.09 -7.25
N ALA A 268 3.18 3.67 -6.36
CA ALA A 268 2.52 4.92 -6.69
C ALA A 268 2.02 5.69 -5.48
N THR A 269 0.89 6.39 -5.60
CA THR A 269 0.40 7.21 -4.49
C THR A 269 0.24 6.43 -3.19
N SER A 270 0.81 6.99 -2.11
CA SER A 270 0.76 6.40 -0.77
C SER A 270 0.25 7.37 0.30
N ALA A 271 0.05 6.85 1.50
CA ALA A 271 -0.42 7.68 2.60
C ALA A 271 0.75 8.46 3.19
N TYR A 272 1.17 9.51 2.49
CA TYR A 272 2.31 10.34 2.88
C TYR A 272 2.28 10.84 4.30
N PRO A 273 1.12 11.31 4.78
CA PRO A 273 1.13 11.80 6.17
C PRO A 273 1.56 10.69 7.15
N GLN A 274 1.26 9.44 6.83
CA GLN A 274 1.68 8.33 7.71
C GLN A 274 3.20 8.21 7.72
N TYR A 275 3.83 8.54 6.58
CA TYR A 275 5.28 8.49 6.47
C TYR A 275 5.88 9.45 7.52
N ALA A 276 5.31 10.64 7.60
CA ALA A 276 5.78 11.66 8.53
C ALA A 276 5.61 11.12 9.95
N GLY A 277 4.58 10.30 10.15
CA GLY A 277 4.34 9.74 11.47
C GLY A 277 5.44 8.76 11.86
N LEU A 278 5.80 7.86 10.95
CA LEU A 278 6.86 6.89 11.21
C LEU A 278 8.21 7.61 11.46
N LEU A 279 8.50 8.63 10.66
CA LEU A 279 9.73 9.39 10.82
C LEU A 279 9.79 9.94 12.26
N ALA A 280 8.71 10.55 12.71
CA ALA A 280 8.64 11.11 14.06
C ALA A 280 8.84 10.04 15.14
N ALA A 281 8.29 8.85 14.93
CA ALA A 281 8.45 7.77 15.91
C ALA A 281 9.90 7.29 15.93
N LEU A 282 10.48 7.15 14.75
CA LEU A 282 11.87 6.71 14.64
C LEU A 282 12.79 7.67 15.40
N GLN A 283 12.63 8.97 15.19
CA GLN A 283 13.47 9.95 15.86
C GLN A 283 13.21 9.98 17.36
N LEU A 284 11.99 9.65 17.79
CA LEU A 284 11.69 9.65 19.21
C LEU A 284 12.45 8.51 19.91
N HIS A 285 12.60 7.38 19.24
CA HIS A 285 13.32 6.27 19.85
C HIS A 285 14.79 6.52 20.04
N GLN A 286 15.40 7.28 19.13
CA GLN A 286 16.81 7.59 19.26
C GLN A 286 17.05 8.56 20.42
N ARG A 287 16.05 9.40 20.71
CA ARG A 287 16.19 10.34 21.83
C ARG A 287 16.05 9.62 23.17
N GLN A 288 15.51 8.40 23.16
CA GLN A 288 15.32 7.63 24.39
C GLN A 288 16.58 6.85 24.75
N GLY A 289 17.52 6.76 23.82
CA GLY A 289 18.75 6.03 24.08
C GLY A 289 19.14 5.24 22.85
N THR A 290 20.28 4.56 22.90
CA THR A 290 20.72 3.76 21.77
C THR A 290 19.91 2.48 21.63
N ALA A 291 19.97 1.86 20.47
CA ALA A 291 19.25 0.61 20.24
C ALA A 291 19.65 -0.43 21.28
N GLU A 292 20.93 -0.43 21.66
CA GLU A 292 21.43 -1.37 22.67
C GLU A 292 20.81 -1.16 24.05
N GLU A 293 20.72 0.10 24.46
CA GLU A 293 20.15 0.39 25.78
C GLU A 293 18.67 0.01 25.84
N ARG A 294 17.95 0.28 24.76
CA ARG A 294 16.53 -0.05 24.69
C ARG A 294 16.31 -1.56 24.69
N TYR A 295 17.21 -2.28 24.04
CA TYR A 295 17.15 -3.74 24.01
C TYR A 295 17.34 -4.32 25.42
N GLN A 296 18.34 -3.82 26.14
CA GLN A 296 18.58 -4.30 27.49
C GLN A 296 17.41 -3.95 28.39
N ALA A 297 16.83 -2.77 28.17
CA ALA A 297 15.67 -2.33 28.96
C ALA A 297 14.54 -3.30 28.69
N ILE A 298 14.35 -3.63 27.41
CA ILE A 298 13.29 -4.56 27.02
C ILE A 298 13.50 -5.91 27.70
N CYS A 299 14.75 -6.39 27.69
CA CYS A 299 15.08 -7.68 28.30
C CYS A 299 14.91 -7.72 29.82
N GLN A 300 15.16 -6.59 30.47
CA GLN A 300 14.99 -6.50 31.91
C GLN A 300 13.51 -6.65 32.23
N ARG A 301 12.67 -6.03 31.41
CA ARG A 301 11.24 -6.13 31.63
C ARG A 301 10.70 -7.51 31.27
N SER A 302 11.17 -8.08 30.17
CA SER A 302 10.70 -9.40 29.81
C SER A 302 11.11 -10.44 30.86
N GLU A 303 12.34 -10.34 31.36
CA GLU A 303 12.78 -11.28 32.38
C GLU A 303 11.99 -11.12 33.68
N PHE A 304 11.65 -9.89 34.01
CA PHE A 304 10.88 -9.61 35.21
C PHE A 304 9.53 -10.30 35.08
N LEU A 305 8.90 -10.15 33.92
CA LEU A 305 7.61 -10.80 33.68
C LEU A 305 7.76 -12.33 33.69
N TRP A 306 8.75 -12.81 32.94
CA TRP A 306 9.05 -14.23 32.83
C TRP A 306 9.21 -14.84 34.22
N ARG A 307 10.00 -14.17 35.05
CA ARG A 307 10.23 -14.65 36.42
C ARG A 307 8.92 -14.67 37.21
N GLY A 308 8.10 -13.63 37.08
CA GLY A 308 6.83 -13.59 37.77
C GLY A 308 5.93 -14.74 37.34
N LEU A 309 5.96 -15.08 36.05
CA LEU A 309 5.14 -16.18 35.55
C LEU A 309 5.63 -17.54 36.07
N ASN A 310 6.94 -17.69 36.27
CA ASN A 310 7.48 -18.95 36.79
C ASN A 310 6.97 -19.23 38.20
N GLN A 311 6.67 -18.17 38.95
CA GLN A 311 6.16 -18.31 40.31
C GLN A 311 4.70 -18.77 40.36
N LEU A 312 3.92 -18.40 39.34
CA LEU A 312 2.52 -18.78 39.27
C LEU A 312 2.46 -20.27 39.02
N PRO A 313 1.86 -21.03 39.93
CA PRO A 313 1.75 -22.49 39.80
C PRO A 313 1.06 -23.06 38.56
N HIS A 314 0.06 -22.35 38.06
CA HIS A 314 -0.71 -22.85 36.92
C HIS A 314 -0.35 -22.23 35.58
N VAL A 315 0.75 -21.48 35.55
CA VAL A 315 1.23 -20.84 34.32
C VAL A 315 2.53 -21.55 33.92
N HIS A 316 2.74 -21.76 32.63
CA HIS A 316 3.96 -22.42 32.18
C HIS A 316 4.56 -21.76 30.94
N CYS A 317 5.69 -21.07 31.15
CA CYS A 317 6.39 -20.39 30.07
C CYS A 317 7.02 -21.42 29.14
N LEU A 318 7.05 -21.10 27.84
CA LEU A 318 7.64 -22.02 26.86
C LEU A 318 9.17 -22.00 27.00
N ALA A 319 9.73 -20.84 27.31
CA ALA A 319 11.18 -20.70 27.46
C ALA A 319 11.61 -21.13 28.86
N THR A 320 12.61 -22.01 28.93
CA THR A 320 13.11 -22.51 30.22
C THR A 320 14.22 -21.61 30.75
N SER A 321 14.69 -20.72 29.89
CA SER A 321 15.70 -19.74 30.23
C SER A 321 15.10 -18.36 29.95
N ALA A 322 15.74 -17.31 30.43
CA ALA A 322 15.23 -15.96 30.24
C ALA A 322 15.06 -15.58 28.77
N PRO A 323 13.92 -14.95 28.42
CA PRO A 323 13.64 -14.54 27.05
C PRO A 323 14.83 -13.77 26.44
N GLN A 324 15.09 -14.02 25.17
CA GLN A 324 16.18 -13.35 24.46
C GLN A 324 15.72 -12.00 23.90
N ALA A 325 14.43 -11.74 23.94
CA ALA A 325 13.88 -10.48 23.46
C ALA A 325 12.66 -10.09 24.27
N GLY A 326 11.77 -9.28 23.70
CA GLY A 326 10.60 -8.85 24.43
C GLY A 326 9.36 -9.72 24.45
N LEU A 327 9.39 -10.82 23.70
CA LEU A 327 8.27 -11.75 23.61
C LEU A 327 8.31 -12.83 24.67
N VAL A 328 7.21 -12.99 25.41
CA VAL A 328 7.13 -14.01 26.44
C VAL A 328 5.89 -14.83 26.24
N SER A 329 6.05 -16.07 25.78
CA SER A 329 4.89 -16.96 25.56
C SER A 329 4.71 -17.98 26.69
N PHE A 330 3.45 -18.34 26.94
CA PHE A 330 3.15 -19.27 28.01
C PHE A 330 1.76 -19.88 27.87
N THR A 331 1.54 -21.01 28.54
CA THR A 331 0.23 -21.65 28.54
C THR A 331 -0.37 -21.49 29.95
N VAL A 332 -1.65 -21.81 30.07
CA VAL A 332 -2.32 -21.70 31.36
C VAL A 332 -3.12 -22.98 31.58
N ASP A 333 -2.93 -23.57 32.75
CA ASP A 333 -3.62 -24.79 33.08
C ASP A 333 -5.04 -24.39 33.51
N SER A 334 -5.99 -24.52 32.62
CA SER A 334 -7.35 -24.16 32.92
C SER A 334 -8.30 -24.76 31.91
N PRO A 335 -9.54 -25.02 32.34
CA PRO A 335 -10.56 -25.60 31.46
C PRO A 335 -11.06 -24.56 30.46
N LEU A 336 -10.90 -23.28 30.81
CA LEU A 336 -11.37 -22.20 29.94
C LEU A 336 -10.79 -22.17 28.54
N GLY A 337 -9.48 -22.37 28.40
CA GLY A 337 -8.87 -22.31 27.09
C GLY A 337 -8.25 -20.92 26.88
N HIS A 338 -7.17 -20.85 26.12
CA HIS A 338 -6.46 -19.60 25.88
C HIS A 338 -7.24 -18.45 25.25
N ARG A 339 -8.11 -18.75 24.29
CA ARG A 339 -8.92 -17.74 23.65
C ARG A 339 -9.83 -17.04 24.68
N ALA A 340 -10.48 -17.84 25.53
CA ALA A 340 -11.41 -17.27 26.53
C ALA A 340 -10.63 -16.48 27.56
N ILE A 341 -9.40 -16.91 27.81
CA ILE A 341 -8.54 -16.23 28.79
C ILE A 341 -8.00 -14.92 28.28
N VAL A 342 -7.79 -14.79 26.98
CA VAL A 342 -7.31 -13.53 26.43
C VAL A 342 -8.48 -12.54 26.42
N GLN A 343 -9.71 -13.02 26.21
CA GLN A 343 -10.90 -12.15 26.18
C GLN A 343 -11.26 -11.59 27.57
N LYS A 344 -11.19 -12.42 28.61
CA LYS A 344 -11.45 -12.00 30.00
C LYS A 344 -10.47 -10.88 30.34
N LEU A 345 -9.20 -11.09 30.01
CA LEU A 345 -8.13 -10.13 30.27
C LEU A 345 -8.42 -8.82 29.54
N GLU A 346 -8.88 -8.91 28.29
CA GLU A 346 -9.19 -7.68 27.57
C GLU A 346 -10.38 -6.98 28.21
N GLU A 347 -11.29 -7.75 28.80
CA GLU A 347 -12.44 -7.16 29.49
C GLU A 347 -11.95 -6.28 30.65
N GLN A 348 -10.75 -6.57 31.15
CA GLN A 348 -10.15 -5.81 32.24
C GLN A 348 -9.12 -4.82 31.73
N ARG A 349 -9.14 -4.59 30.42
CA ARG A 349 -8.22 -3.67 29.75
C ARG A 349 -6.75 -4.10 29.88
N ILE A 350 -6.55 -5.40 29.84
CA ILE A 350 -5.23 -5.99 29.85
C ILE A 350 -5.15 -6.64 28.48
N TYR A 351 -4.18 -6.21 27.67
CA TYR A 351 -4.03 -6.67 26.29
C TYR A 351 -2.86 -7.59 25.87
N LEU A 352 -3.19 -8.86 25.64
CA LEU A 352 -2.24 -9.88 25.16
C LEU A 352 -2.87 -10.55 23.93
N ARG A 353 -2.25 -11.59 23.39
CA ARG A 353 -2.85 -12.26 22.24
C ARG A 353 -2.66 -13.76 22.24
N THR A 354 -3.55 -14.45 21.54
CA THR A 354 -3.47 -15.91 21.46
C THR A 354 -2.57 -16.27 20.29
N ILE A 355 -1.95 -17.44 20.36
CA ILE A 355 -1.07 -17.92 19.30
C ILE A 355 -1.61 -19.28 18.87
N ALA A 356 -1.81 -19.46 17.56
CA ALA A 356 -2.36 -20.73 17.07
C ALA A 356 -1.41 -21.92 17.20
N ASP A 357 -0.15 -21.75 16.81
CA ASP A 357 0.81 -22.85 16.87
C ASP A 357 2.21 -22.42 17.33
N PRO A 358 2.62 -22.88 18.52
CA PRO A 358 1.81 -23.75 19.37
C PRO A 358 0.65 -22.97 20.02
N ASP A 359 -0.31 -23.70 20.62
CA ASP A 359 -1.47 -23.12 21.29
C ASP A 359 -1.03 -22.47 22.61
N CYS A 360 -0.83 -21.16 22.62
CA CYS A 360 -0.42 -20.46 23.83
C CYS A 360 -0.86 -19.02 23.83
N ILE A 361 -0.40 -18.28 24.84
CA ILE A 361 -0.70 -16.86 24.97
C ILE A 361 0.64 -16.14 24.95
N ARG A 362 0.69 -14.96 24.33
CA ARG A 362 1.94 -14.18 24.21
C ARG A 362 1.85 -12.75 24.76
N ALA A 363 2.86 -12.34 25.53
CA ALA A 363 2.89 -10.99 26.06
C ALA A 363 4.10 -10.29 25.47
N CYS A 364 3.97 -9.01 25.11
CA CYS A 364 5.10 -8.28 24.55
C CYS A 364 5.52 -7.20 25.53
N CYS A 365 6.80 -7.18 25.93
CA CYS A 365 7.26 -6.15 26.86
C CYS A 365 8.18 -5.17 26.15
N HIS A 366 7.84 -3.88 26.20
CA HIS A 366 8.68 -2.90 25.54
C HIS A 366 9.48 -2.09 26.58
N TYR A 367 10.42 -1.26 26.13
CA TYR A 367 11.23 -0.51 27.09
C TYR A 367 10.38 0.51 27.88
N ILE A 368 9.21 0.84 27.37
CA ILE A 368 8.34 1.77 28.08
C ILE A 368 7.43 1.03 29.05
N THR A 369 7.47 -0.30 29.03
CA THR A 369 6.65 -1.08 29.94
C THR A 369 7.21 -0.93 31.35
N ASP A 370 6.35 -0.94 32.37
CA ASP A 370 6.83 -0.79 33.74
C ASP A 370 6.40 -1.94 34.64
N GLU A 371 7.04 -2.02 35.80
CA GLU A 371 6.76 -3.06 36.78
C GLU A 371 5.33 -3.14 37.26
N GLU A 372 4.68 -1.99 37.36
CA GLU A 372 3.28 -1.97 37.83
C GLU A 372 2.36 -2.71 36.85
N GLU A 373 2.52 -2.45 35.55
CA GLU A 373 1.71 -3.14 34.53
C GLU A 373 1.95 -4.65 34.59
N ILE A 374 3.22 -5.05 34.71
CA ILE A 374 3.57 -6.46 34.79
C ILE A 374 2.92 -7.08 36.04
N ASN A 375 3.06 -6.45 37.20
CA ASN A 375 2.43 -7.00 38.42
C ASN A 375 0.92 -7.10 38.29
N HIS A 376 0.32 -6.11 37.64
CA HIS A 376 -1.12 -6.12 37.44
C HIS A 376 -1.53 -7.31 36.54
N LEU A 377 -0.67 -7.65 35.57
CA LEU A 377 -0.92 -8.79 34.68
C LEU A 377 -0.83 -10.06 35.52
N LEU A 378 0.25 -10.18 36.29
CA LEU A 378 0.47 -11.35 37.13
C LEU A 378 -0.67 -11.51 38.12
N ALA A 379 -1.13 -10.40 38.68
CA ALA A 379 -2.21 -10.46 39.65
C ALA A 379 -3.44 -11.09 39.02
N ARG A 380 -3.81 -10.60 37.84
CA ARG A 380 -4.99 -11.13 37.18
C ARG A 380 -4.80 -12.57 36.70
N LEU A 381 -3.65 -12.91 36.13
CA LEU A 381 -3.43 -14.29 35.68
C LEU A 381 -3.56 -15.30 36.81
N ALA A 382 -3.33 -14.84 38.04
CA ALA A 382 -3.38 -15.71 39.21
C ALA A 382 -4.73 -16.33 39.50
N ASP A 383 -5.80 -15.76 38.95
CA ASP A 383 -7.14 -16.28 39.21
C ASP A 383 -7.52 -17.51 38.39
N PHE A 384 -6.69 -17.86 37.41
CA PHE A 384 -6.99 -19.03 36.58
C PHE A 384 -6.29 -20.28 37.10
N GLY A 385 -6.99 -21.41 37.06
CA GLY A 385 -6.41 -22.66 37.54
C GLY A 385 -7.21 -23.88 37.13
N PRO A 386 -6.61 -25.08 37.27
CA PRO A 386 -7.27 -26.33 36.90
C PRO A 386 -8.33 -26.80 37.90
N THR B 1 -26.93 23.15 -5.59
CA THR B 1 -26.09 24.17 -4.88
C THR B 1 -25.06 23.47 -4.00
N PRO B 2 -23.80 23.43 -4.42
CA PRO B 2 -22.73 22.78 -3.66
C PRO B 2 -22.35 23.48 -2.35
N ASP B 3 -22.05 22.68 -1.34
CA ASP B 3 -21.66 23.22 -0.05
C ASP B 3 -20.13 23.34 -0.01
N ARG B 4 -19.62 24.46 -0.52
CA ARG B 4 -18.18 24.72 -0.56
C ARG B 4 -17.49 24.77 0.79
N HIS B 5 -18.25 25.08 1.84
CA HIS B 5 -17.69 25.19 3.18
C HIS B 5 -17.19 23.85 3.74
N GLN B 6 -17.66 22.75 3.14
CA GLN B 6 -17.24 21.40 3.55
C GLN B 6 -15.79 21.13 3.11
N PHE B 7 -15.30 21.94 2.19
CA PHE B 7 -13.95 21.81 1.64
C PHE B 7 -13.19 23.08 1.96
N PRO B 8 -12.72 23.20 3.21
CA PRO B 8 -11.98 24.38 3.66
C PRO B 8 -10.75 24.76 2.82
N GLY B 9 -10.17 23.81 2.12
CA GLY B 9 -9.01 24.13 1.32
C GLY B 9 -9.32 25.08 0.16
N LEU B 10 -10.59 25.16 -0.24
CA LEU B 10 -10.98 26.04 -1.36
C LEU B 10 -10.68 27.53 -1.10
N ALA B 11 -10.81 27.95 0.15
CA ALA B 11 -10.57 29.33 0.52
C ALA B 11 -9.10 29.76 0.35
N ASN B 12 -8.88 31.04 0.12
CA ASN B 12 -7.53 31.61 -0.08
C ASN B 12 -6.63 30.98 -1.13
N LYS B 13 -7.23 30.38 -2.14
CA LYS B 13 -6.47 29.81 -3.27
C LYS B 13 -7.48 29.56 -4.39
N THR B 14 -6.96 29.28 -5.57
CA THR B 14 -7.78 29.00 -6.72
C THR B 14 -7.33 27.64 -7.25
N TYR B 15 -7.99 26.58 -6.79
CA TYR B 15 -7.61 25.20 -7.13
C TYR B 15 -8.27 24.55 -8.34
N PHE B 16 -7.42 24.13 -9.26
CA PHE B 16 -7.88 23.43 -10.46
C PHE B 16 -7.13 22.10 -10.66
N ASN B 17 -6.67 21.50 -9.57
CA ASN B 17 -5.93 20.22 -9.68
C ASN B 17 -6.63 19.01 -9.07
N PHE B 18 -7.95 18.97 -9.14
CA PHE B 18 -8.71 17.83 -8.59
C PHE B 18 -8.27 16.51 -9.19
N GLY B 19 -7.86 16.54 -10.46
CA GLY B 19 -7.39 15.35 -11.15
C GLY B 19 -6.07 14.81 -10.60
N GLY B 20 -5.29 15.65 -9.93
CA GLY B 20 -4.05 15.19 -9.32
C GLY B 20 -4.43 14.67 -7.94
N GLN B 21 -5.09 15.52 -7.15
CA GLN B 21 -5.60 15.16 -5.80
C GLN B 21 -6.71 16.11 -5.42
N GLY B 22 -7.80 15.57 -4.90
CA GLY B 22 -8.93 16.39 -4.51
C GLY B 22 -8.71 17.10 -3.18
N ILE B 23 -9.47 18.18 -2.94
CA ILE B 23 -9.36 18.90 -1.69
C ILE B 23 -10.10 18.05 -0.66
N LEU B 24 -9.45 17.78 0.46
CA LEU B 24 -10.02 16.93 1.49
C LEU B 24 -11.16 17.59 2.29
N PRO B 25 -12.35 17.00 2.29
CA PRO B 25 -13.48 17.57 3.04
C PRO B 25 -13.30 17.40 4.55
N THR B 26 -13.83 18.36 5.30
CA THR B 26 -13.75 18.35 6.75
C THR B 26 -14.17 17.03 7.38
N VAL B 27 -15.29 16.47 6.90
CA VAL B 27 -15.80 15.21 7.43
C VAL B 27 -14.80 14.08 7.28
N ALA B 28 -13.96 14.16 6.24
CA ALA B 28 -12.97 13.12 6.02
C ALA B 28 -11.83 13.28 7.05
N LEU B 29 -11.36 14.52 7.27
CA LEU B 29 -10.32 14.73 8.24
C LEU B 29 -10.80 14.24 9.60
N GLU B 30 -12.03 14.59 9.94
CA GLU B 30 -12.63 14.18 11.21
C GLU B 30 -12.66 12.67 11.40
N ALA B 31 -13.10 11.96 10.35
CA ALA B 31 -13.17 10.51 10.42
C ALA B 31 -11.77 9.88 10.61
N ILE B 32 -10.76 10.45 9.95
CA ILE B 32 -9.38 9.96 10.09
C ILE B 32 -8.92 10.17 11.56
N THR B 33 -9.06 11.38 12.06
CA THR B 33 -8.65 11.67 13.43
C THR B 33 -9.42 10.83 14.45
N ALA B 34 -10.72 10.68 14.24
CA ALA B 34 -11.52 9.86 15.14
C ALA B 34 -11.00 8.40 15.17
N MET B 35 -10.60 7.85 14.02
CA MET B 35 -10.11 6.48 13.97
C MET B 35 -8.84 6.27 14.78
N TYR B 36 -7.95 7.26 14.77
CA TYR B 36 -6.70 7.21 15.54
C TYR B 36 -7.05 7.22 17.02
N GLY B 37 -8.04 8.03 17.37
CA GLY B 37 -8.48 8.09 18.75
C GLY B 37 -9.12 6.78 19.20
N TYR B 38 -9.86 6.13 18.32
CA TYR B 38 -10.48 4.85 18.68
C TYR B 38 -9.41 3.77 18.93
N LEU B 39 -8.41 3.72 18.06
CA LEU B 39 -7.33 2.73 18.21
C LEU B 39 -6.56 3.00 19.48
N GLN B 40 -6.28 4.27 19.77
CA GLN B 40 -5.53 4.57 20.98
C GLN B 40 -6.32 4.16 22.23
N GLU B 41 -7.61 4.47 22.24
CA GLU B 41 -8.47 4.17 23.37
C GLU B 41 -8.77 2.70 23.60
N ASN B 42 -8.90 1.95 22.50
CA ASN B 42 -9.27 0.55 22.60
C ASN B 42 -8.23 -0.47 22.21
N GLY B 43 -7.05 -0.01 21.77
CA GLY B 43 -6.03 -0.96 21.36
C GLY B 43 -4.63 -0.38 21.41
N PRO B 44 -3.98 -0.15 20.26
CA PRO B 44 -4.41 -0.35 18.85
C PRO B 44 -4.54 -1.78 18.32
N PHE B 45 -3.99 -2.76 19.03
CA PHE B 45 -4.08 -4.16 18.60
C PHE B 45 -4.84 -4.90 19.68
N SER B 46 -6.02 -5.39 19.36
CA SER B 46 -6.84 -6.10 20.34
C SER B 46 -8.08 -6.68 19.68
N ILE B 47 -8.88 -7.42 20.45
CA ILE B 47 -10.13 -7.99 19.96
C ILE B 47 -11.06 -6.88 19.46
N ALA B 48 -11.34 -5.89 20.31
CA ALA B 48 -12.20 -4.77 19.97
C ALA B 48 -11.69 -3.94 18.80
N ALA B 49 -10.39 -3.62 18.81
CA ALA B 49 -9.81 -2.82 17.73
C ALA B 49 -9.85 -3.59 16.42
N ASN B 50 -9.41 -4.85 16.44
CA ASN B 50 -9.40 -5.65 15.24
C ASN B 50 -10.81 -5.83 14.65
N GLN B 51 -11.81 -5.92 15.52
CA GLN B 51 -13.19 -6.03 15.05
C GLN B 51 -13.62 -4.72 14.37
N HIS B 52 -13.36 -3.61 15.03
CA HIS B 52 -13.71 -2.27 14.53
C HIS B 52 -13.07 -2.04 13.14
N ILE B 53 -11.85 -2.53 12.96
CA ILE B 53 -11.17 -2.38 11.68
C ILE B 53 -11.82 -3.24 10.61
N GLN B 54 -12.14 -4.49 10.97
CA GLN B 54 -12.78 -5.36 10.00
C GLN B 54 -14.13 -4.78 9.58
N GLN B 55 -14.84 -4.18 10.54
CA GLN B 55 -16.13 -3.56 10.25
C GLN B 55 -15.93 -2.36 9.36
N LEU B 56 -14.89 -1.57 9.65
CA LEU B 56 -14.63 -0.40 8.79
C LEU B 56 -14.34 -0.83 7.36
N ILE B 57 -13.50 -1.86 7.19
CA ILE B 57 -13.16 -2.34 5.86
C ILE B 57 -14.41 -2.76 5.09
N ALA B 58 -15.31 -3.49 5.75
CA ALA B 58 -16.52 -3.96 5.11
C ALA B 58 -17.41 -2.77 4.72
N GLN B 59 -17.46 -1.74 5.56
CA GLN B 59 -18.28 -0.55 5.27
C GLN B 59 -17.77 0.21 4.05
N LEU B 60 -16.44 0.31 3.91
CA LEU B 60 -15.87 0.97 2.74
C LEU B 60 -16.10 0.10 1.48
N ARG B 61 -15.92 -1.21 1.58
CA ARG B 61 -16.12 -2.11 0.42
C ARG B 61 -17.56 -1.98 -0.08
N GLN B 62 -18.50 -1.83 0.85
CA GLN B 62 -19.91 -1.73 0.51
C GLN B 62 -20.25 -0.41 -0.14
N ALA B 63 -19.71 0.68 0.40
CA ALA B 63 -19.96 2.01 -0.16
C ALA B 63 -19.40 2.07 -1.58
N LEU B 64 -18.25 1.44 -1.79
CA LEU B 64 -17.66 1.45 -3.12
C LEU B 64 -18.55 0.63 -4.06
N ALA B 65 -19.00 -0.53 -3.58
CA ALA B 65 -19.88 -1.39 -4.36
C ALA B 65 -21.15 -0.62 -4.77
N GLU B 66 -21.77 0.06 -3.82
CA GLU B 66 -22.96 0.82 -4.12
C GLU B 66 -22.67 1.96 -5.09
N THR B 67 -21.49 2.54 -4.99
CA THR B 67 -21.10 3.63 -5.87
C THR B 67 -21.20 3.23 -7.35
N PHE B 68 -20.74 2.03 -7.69
CA PHE B 68 -20.75 1.54 -9.07
C PHE B 68 -21.89 0.54 -9.36
N ASN B 69 -22.79 0.39 -8.40
CA ASN B 69 -23.92 -0.52 -8.53
C ASN B 69 -23.51 -1.98 -8.81
N VAL B 70 -22.59 -2.49 -8.01
CA VAL B 70 -22.18 -3.88 -8.16
C VAL B 70 -22.17 -4.57 -6.81
N ASP B 71 -21.88 -5.87 -6.83
CA ASP B 71 -21.86 -6.64 -5.61
C ASP B 71 -20.52 -6.44 -4.91
N PRO B 72 -20.52 -6.40 -3.58
CA PRO B 72 -19.33 -6.23 -2.74
C PRO B 72 -18.21 -7.21 -3.09
N ASN B 73 -18.59 -8.39 -3.61
CA ASN B 73 -17.63 -9.42 -4.00
C ASN B 73 -16.71 -9.04 -5.16
N THR B 74 -17.16 -8.10 -6.00
CA THR B 74 -16.35 -7.68 -7.14
C THR B 74 -15.37 -6.54 -6.81
N ILE B 75 -15.41 -6.04 -5.58
CA ILE B 75 -14.55 -4.92 -5.18
C ILE B 75 -13.33 -5.30 -4.33
N THR B 76 -12.17 -4.84 -4.77
CA THR B 76 -10.93 -5.04 -4.06
C THR B 76 -10.50 -3.65 -3.59
N ILE B 77 -9.92 -3.57 -2.39
CA ILE B 77 -9.44 -2.30 -1.84
C ILE B 77 -7.93 -2.25 -1.99
N THR B 78 -7.42 -1.19 -2.59
CA THR B 78 -5.97 -1.01 -2.83
C THR B 78 -5.56 0.37 -2.33
N ASP B 79 -4.35 0.80 -2.66
CA ASP B 79 -3.90 2.11 -2.22
C ASP B 79 -3.96 3.20 -3.30
N ASN B 80 -4.17 2.80 -4.55
CA ASN B 80 -4.16 3.76 -5.64
C ASN B 80 -4.58 3.07 -6.93
N VAL B 81 -4.68 3.83 -8.02
CA VAL B 81 -5.09 3.27 -9.32
C VAL B 81 -4.13 2.22 -9.85
N THR B 82 -2.85 2.53 -9.76
CA THR B 82 -1.84 1.66 -10.34
C THR B 82 -1.83 0.23 -9.83
N THR B 83 -1.95 0.07 -8.51
CA THR B 83 -1.98 -1.25 -7.90
C THR B 83 -3.08 -2.11 -8.52
N GLY B 84 -4.25 -1.51 -8.73
CA GLY B 84 -5.34 -2.26 -9.38
C GLY B 84 -4.88 -2.82 -10.73
N CYS B 85 -4.18 -2.00 -11.50
CA CYS B 85 -3.65 -2.42 -12.80
C CYS B 85 -2.60 -3.52 -12.64
N ASP B 86 -1.73 -3.40 -11.64
CA ASP B 86 -0.72 -4.45 -11.37
C ASP B 86 -1.41 -5.80 -11.04
N ILE B 87 -2.51 -5.74 -10.29
CA ILE B 87 -3.23 -6.96 -9.92
C ILE B 87 -3.74 -7.72 -11.16
N VAL B 88 -4.39 -6.99 -12.07
CA VAL B 88 -4.93 -7.61 -13.26
C VAL B 88 -3.82 -8.14 -14.18
N LEU B 89 -2.86 -7.27 -14.49
CA LEU B 89 -1.76 -7.62 -15.38
C LEU B 89 -0.90 -8.80 -14.91
N TRP B 90 -0.49 -8.79 -13.65
CA TRP B 90 0.32 -9.88 -13.15
C TRP B 90 -0.50 -11.13 -12.88
N GLY B 91 -1.82 -10.97 -12.79
CA GLY B 91 -2.67 -12.12 -12.53
C GLY B 91 -3.01 -13.01 -13.73
N LEU B 92 -3.01 -12.43 -14.92
CA LEU B 92 -3.32 -13.15 -16.16
C LEU B 92 -2.28 -14.20 -16.51
N ASP B 93 -2.76 -15.34 -17.00
CA ASP B 93 -1.90 -16.46 -17.38
C ASP B 93 -1.32 -16.21 -18.78
N TRP B 94 -0.36 -15.29 -18.85
CA TRP B 94 0.29 -14.90 -20.11
C TRP B 94 1.10 -16.00 -20.76
N HIS B 95 0.99 -16.06 -22.09
CA HIS B 95 1.72 -17.04 -22.88
C HIS B 95 2.61 -16.30 -23.86
N GLN B 96 3.82 -16.83 -24.02
CA GLN B 96 4.82 -16.27 -24.92
C GLN B 96 4.17 -16.00 -26.28
N GLY B 97 4.21 -14.73 -26.71
CA GLY B 97 3.62 -14.35 -27.97
C GLY B 97 2.26 -13.66 -27.87
N ASP B 98 1.66 -13.65 -26.68
CA ASP B 98 0.36 -13.00 -26.51
C ASP B 98 0.60 -11.51 -26.72
N GLU B 99 -0.44 -10.78 -27.11
CA GLU B 99 -0.29 -9.36 -27.35
C GLU B 99 -1.22 -8.46 -26.55
N ILE B 100 -0.69 -7.30 -26.16
CA ILE B 100 -1.47 -6.31 -25.42
C ILE B 100 -1.56 -5.03 -26.26
N LEU B 101 -2.75 -4.42 -26.31
CA LEU B 101 -2.92 -3.16 -27.04
C LEU B 101 -3.25 -2.02 -26.05
N LEU B 102 -2.49 -0.92 -26.12
CA LEU B 102 -2.73 0.26 -25.28
C LEU B 102 -2.96 1.48 -26.15
N THR B 103 -3.73 2.45 -25.65
CA THR B 103 -3.93 3.66 -26.44
C THR B 103 -2.63 4.43 -26.28
N ASP B 104 -2.46 5.48 -27.08
CA ASP B 104 -1.25 6.28 -27.00
C ASP B 104 -1.39 7.40 -25.96
N CYS B 105 -2.34 7.24 -25.04
CA CYS B 105 -2.60 8.24 -24.00
C CYS B 105 -2.63 7.61 -22.60
N GLU B 106 -1.94 6.50 -22.41
CA GLU B 106 -1.94 5.88 -21.11
C GLU B 106 -0.81 6.44 -20.25
N HIS B 107 -0.99 6.34 -18.93
CA HIS B 107 -0.05 6.82 -17.93
C HIS B 107 1.29 6.06 -18.01
N PRO B 108 2.41 6.80 -17.89
CA PRO B 108 3.72 6.14 -17.97
C PRO B 108 3.90 4.99 -16.96
N GLY B 109 3.22 5.09 -15.83
CA GLY B 109 3.33 4.04 -14.82
C GLY B 109 2.75 2.73 -15.32
N ILE B 110 1.62 2.81 -15.99
CA ILE B 110 0.93 1.65 -16.55
C ILE B 110 1.76 1.00 -17.65
N ILE B 111 2.34 1.83 -18.52
CA ILE B 111 3.16 1.33 -19.61
C ILE B 111 4.36 0.57 -19.02
N ALA B 112 4.89 1.05 -17.90
CA ALA B 112 6.01 0.41 -17.24
C ALA B 112 5.69 -1.00 -16.76
N ILE B 113 4.43 -1.22 -16.38
CA ILE B 113 4.02 -2.54 -15.91
C ILE B 113 4.05 -3.46 -17.12
N VAL B 114 3.41 -3.02 -18.20
CA VAL B 114 3.33 -3.78 -19.43
C VAL B 114 4.73 -4.18 -19.93
N GLN B 115 5.70 -3.29 -19.76
CA GLN B 115 7.06 -3.57 -20.19
C GLN B 115 7.65 -4.68 -19.34
N ALA B 116 7.38 -4.60 -18.04
CA ALA B 116 7.84 -5.61 -17.10
C ALA B 116 7.20 -6.96 -17.45
N ILE B 117 5.92 -6.96 -17.79
CA ILE B 117 5.23 -8.19 -18.14
C ILE B 117 5.83 -8.79 -19.40
N ALA B 118 6.02 -7.94 -20.42
CA ALA B 118 6.55 -8.39 -21.71
C ALA B 118 7.89 -9.08 -21.54
N ALA B 119 8.75 -8.50 -20.72
CA ALA B 119 10.04 -9.09 -20.45
C ALA B 119 9.95 -10.39 -19.61
N ARG B 120 8.89 -10.55 -18.83
CA ARG B 120 8.75 -11.75 -17.98
C ARG B 120 8.07 -12.95 -18.67
N PHE B 121 7.05 -12.68 -19.47
CA PHE B 121 6.34 -13.75 -20.15
C PHE B 121 6.56 -13.77 -21.66
N GLY B 122 7.41 -12.88 -22.16
CA GLY B 122 7.67 -12.84 -23.58
C GLY B 122 6.45 -12.43 -24.39
N ILE B 123 5.57 -11.61 -23.81
CA ILE B 123 4.41 -11.16 -24.56
C ILE B 123 4.83 -9.90 -25.31
N THR B 124 3.98 -9.40 -26.20
CA THR B 124 4.30 -8.17 -26.94
C THR B 124 3.20 -7.12 -26.79
N TYR B 125 3.58 -5.86 -27.00
CA TYR B 125 2.60 -4.78 -26.89
C TYR B 125 2.82 -3.71 -27.96
N ARG B 126 1.76 -2.99 -28.29
CA ARG B 126 1.84 -1.93 -29.27
C ARG B 126 0.71 -0.93 -28.99
N PHE B 127 0.88 0.31 -29.41
CA PHE B 127 -0.13 1.34 -29.15
C PHE B 127 -1.01 1.59 -30.37
N PHE B 128 -2.20 2.13 -30.12
CA PHE B 128 -3.12 2.53 -31.17
C PHE B 128 -3.46 3.98 -30.83
N PRO B 129 -3.45 4.86 -31.83
CA PRO B 129 -3.72 6.29 -31.69
C PRO B 129 -5.12 6.74 -31.37
N VAL B 130 -5.29 7.32 -30.18
CA VAL B 130 -6.60 7.85 -29.80
C VAL B 130 -6.51 9.36 -29.57
N ALA B 131 -5.33 9.84 -29.20
CA ALA B 131 -5.16 11.28 -28.95
C ALA B 131 -5.77 12.12 -30.05
N ALA B 132 -5.51 11.72 -31.28
CA ALA B 132 -6.01 12.43 -32.46
C ALA B 132 -7.49 12.30 -32.65
N THR B 133 -8.17 11.51 -31.82
CA THR B 133 -9.61 11.40 -32.00
C THR B 133 -10.40 12.31 -31.05
N LEU B 134 -9.75 13.33 -30.50
CA LEU B 134 -10.43 14.27 -29.60
C LEU B 134 -11.56 15.03 -30.28
N ASN B 135 -11.25 15.58 -31.45
CA ASN B 135 -12.21 16.36 -32.21
C ASN B 135 -12.78 15.66 -33.46
N GLN B 136 -12.20 14.51 -33.80
CA GLN B 136 -12.66 13.76 -34.98
C GLN B 136 -12.33 12.27 -34.94
N GLY B 137 -12.87 11.54 -35.92
CA GLY B 137 -12.62 10.12 -36.01
C GLY B 137 -13.34 9.26 -34.98
N ASP B 138 -12.85 8.04 -34.81
CA ASP B 138 -13.46 7.11 -33.87
C ASP B 138 -12.43 6.17 -33.27
N ALA B 139 -12.21 6.29 -31.97
CA ALA B 139 -11.22 5.43 -31.29
C ALA B 139 -11.59 3.95 -31.41
N ALA B 140 -12.89 3.62 -31.31
CA ALA B 140 -13.33 2.22 -31.46
C ALA B 140 -12.87 1.66 -32.82
N ALA B 141 -13.08 2.43 -33.89
CA ALA B 141 -12.68 2.03 -35.22
C ALA B 141 -11.16 1.87 -35.28
N VAL B 142 -10.43 2.80 -34.67
CA VAL B 142 -8.97 2.71 -34.67
C VAL B 142 -8.57 1.36 -34.06
N LEU B 143 -9.21 1.02 -32.94
CA LEU B 143 -8.92 -0.25 -32.26
C LEU B 143 -9.24 -1.42 -33.20
N ALA B 144 -10.41 -1.41 -33.83
CA ALA B 144 -10.76 -2.47 -34.77
C ALA B 144 -9.64 -2.68 -35.79
N ASN B 145 -9.08 -1.58 -36.31
CA ASN B 145 -8.00 -1.67 -37.29
C ASN B 145 -6.68 -2.18 -36.67
N HIS B 146 -6.67 -2.37 -35.35
CA HIS B 146 -5.45 -2.85 -34.69
C HIS B 146 -5.56 -4.25 -34.09
N LEU B 147 -6.79 -4.68 -33.83
CA LEU B 147 -7.02 -6.00 -33.26
C LEU B 147 -6.39 -7.08 -34.15
N GLY B 148 -5.76 -8.06 -33.51
CA GLY B 148 -5.12 -9.14 -34.23
C GLY B 148 -5.44 -10.52 -33.67
N PRO B 149 -4.82 -11.58 -34.24
CA PRO B 149 -5.02 -12.96 -33.82
C PRO B 149 -4.63 -13.24 -32.38
N LYS B 150 -3.47 -12.71 -31.97
CA LYS B 150 -2.96 -12.95 -30.63
C LYS B 150 -3.33 -11.86 -29.62
N THR B 151 -4.19 -10.94 -29.99
CA THR B 151 -4.58 -9.87 -29.06
C THR B 151 -5.38 -10.49 -27.91
N ARG B 152 -4.86 -10.34 -26.68
CA ARG B 152 -5.51 -10.91 -25.50
C ARG B 152 -6.14 -9.84 -24.60
N LEU B 153 -5.46 -8.71 -24.45
CA LEU B 153 -5.96 -7.65 -23.60
C LEU B 153 -5.78 -6.26 -24.22
N VAL B 154 -6.69 -5.34 -23.89
CA VAL B 154 -6.61 -3.97 -24.37
C VAL B 154 -6.65 -3.11 -23.11
N ILE B 155 -5.78 -2.11 -23.04
CA ILE B 155 -5.72 -1.21 -21.87
C ILE B 155 -6.05 0.23 -22.27
N LEU B 156 -7.04 0.83 -21.62
CA LEU B 156 -7.41 2.20 -21.95
C LEU B 156 -7.95 3.02 -20.76
N SER B 157 -7.79 4.35 -20.83
CA SER B 157 -8.31 5.22 -19.80
C SER B 157 -9.68 5.65 -20.29
N HIS B 158 -10.68 5.52 -19.44
CA HIS B 158 -12.04 5.89 -19.79
C HIS B 158 -12.11 7.38 -20.09
N LEU B 159 -11.36 8.16 -19.30
CA LEU B 159 -11.24 9.61 -19.45
C LEU B 159 -9.74 9.85 -19.50
N LEU B 160 -9.25 10.37 -20.63
CA LEU B 160 -7.82 10.59 -20.86
C LEU B 160 -7.27 11.73 -19.99
N TRP B 161 -6.22 11.43 -19.25
CA TRP B 161 -5.61 12.39 -18.33
C TRP B 161 -4.92 13.56 -19.03
N ASN B 162 -4.53 13.34 -20.28
CA ASN B 162 -3.83 14.38 -21.00
C ASN B 162 -4.68 15.28 -21.90
N THR B 163 -5.66 14.73 -22.61
CA THR B 163 -6.46 15.56 -23.50
C THR B 163 -7.85 15.90 -23.03
N GLY B 164 -8.35 15.15 -22.06
CA GLY B 164 -9.69 15.42 -21.57
C GLY B 164 -10.77 14.67 -22.35
N GLN B 165 -10.39 13.79 -23.27
CA GLN B 165 -11.39 13.05 -24.05
C GLN B 165 -12.02 11.89 -23.27
N VAL B 166 -13.34 11.71 -23.41
CA VAL B 166 -14.04 10.58 -22.76
C VAL B 166 -14.20 9.52 -23.86
N LEU B 167 -13.43 8.43 -23.80
CA LEU B 167 -13.52 7.40 -24.82
C LEU B 167 -14.87 6.68 -24.80
N PRO B 168 -15.33 6.22 -25.98
CA PRO B 168 -16.61 5.51 -26.15
C PRO B 168 -16.42 4.05 -25.66
N LEU B 169 -16.44 3.86 -24.35
CA LEU B 169 -16.20 2.53 -23.75
C LEU B 169 -17.17 1.46 -24.19
N ALA B 170 -18.46 1.79 -24.26
CA ALA B 170 -19.44 0.81 -24.69
C ALA B 170 -19.09 0.27 -26.09
N GLU B 171 -18.86 1.18 -27.04
CA GLU B 171 -18.51 0.78 -28.41
C GLU B 171 -17.22 -0.02 -28.45
N ILE B 172 -16.22 0.40 -27.68
CA ILE B 172 -14.94 -0.31 -27.67
C ILE B 172 -15.11 -1.72 -27.10
N MET B 173 -16.01 -1.86 -26.12
CA MET B 173 -16.26 -3.17 -25.52
C MET B 173 -16.88 -4.11 -26.57
N ALA B 174 -17.87 -3.61 -27.31
CA ALA B 174 -18.53 -4.40 -28.36
C ALA B 174 -17.51 -4.83 -29.40
N VAL B 175 -16.73 -3.88 -29.88
CA VAL B 175 -15.73 -4.21 -30.87
C VAL B 175 -14.88 -5.37 -30.38
N CYS B 176 -14.41 -5.29 -29.14
CA CYS B 176 -13.58 -6.34 -28.57
C CYS B 176 -14.34 -7.68 -28.48
N ARG B 177 -15.60 -7.61 -28.09
CA ARG B 177 -16.41 -8.82 -27.94
C ARG B 177 -16.66 -9.57 -29.24
N ARG B 178 -17.02 -8.87 -30.30
CA ARG B 178 -17.31 -9.55 -31.56
C ARG B 178 -16.06 -10.04 -32.29
N HIS B 179 -14.90 -9.54 -31.91
CA HIS B 179 -13.67 -9.95 -32.56
C HIS B 179 -13.45 -11.45 -32.36
N GLN B 180 -12.85 -12.12 -33.34
CA GLN B 180 -12.59 -13.56 -33.26
C GLN B 180 -11.12 -13.88 -33.49
N GLY B 181 -10.42 -14.26 -32.44
CA GLY B 181 -9.02 -14.59 -32.56
C GLY B 181 -8.74 -15.75 -31.63
N ASN B 182 -7.48 -15.92 -31.25
CA ASN B 182 -7.07 -17.02 -30.37
C ASN B 182 -7.50 -16.80 -28.92
N TYR B 183 -8.01 -15.62 -28.62
CA TYR B 183 -8.45 -15.29 -27.26
C TYR B 183 -9.64 -14.36 -27.22
N PRO B 184 -10.49 -14.50 -26.21
CA PRO B 184 -11.64 -13.59 -26.14
C PRO B 184 -10.97 -12.30 -25.66
N VAL B 185 -11.13 -11.20 -26.39
CA VAL B 185 -10.48 -9.96 -25.99
C VAL B 185 -11.08 -9.30 -24.75
N ARG B 186 -10.26 -9.11 -23.73
CA ARG B 186 -10.68 -8.47 -22.47
C ARG B 186 -10.11 -7.03 -22.37
N VAL B 187 -10.82 -6.15 -21.68
CA VAL B 187 -10.39 -4.76 -21.54
C VAL B 187 -10.20 -4.25 -20.08
N LEU B 188 -8.98 -3.85 -19.76
CA LEU B 188 -8.65 -3.29 -18.44
C LEU B 188 -8.82 -1.77 -18.57
N VAL B 189 -9.71 -1.18 -17.77
CA VAL B 189 -9.93 0.27 -17.83
C VAL B 189 -9.23 1.04 -16.69
N ASP B 190 -8.51 2.10 -17.04
CA ASP B 190 -7.86 2.93 -16.02
C ASP B 190 -8.86 4.05 -15.75
N GLY B 191 -9.47 4.05 -14.56
CA GLY B 191 -10.43 5.09 -14.25
C GLY B 191 -9.94 6.20 -13.30
N ALA B 192 -8.68 6.58 -13.40
CA ALA B 192 -8.14 7.63 -12.54
C ALA B 192 -8.90 8.95 -12.59
N GLN B 193 -9.35 9.30 -13.79
CA GLN B 193 -10.08 10.53 -13.99
C GLN B 193 -11.58 10.32 -14.05
N SER B 194 -12.02 9.18 -14.59
CA SER B 194 -13.46 8.96 -14.72
C SER B 194 -14.21 8.74 -13.41
N ALA B 195 -13.68 7.92 -12.50
CA ALA B 195 -14.36 7.65 -11.23
C ALA B 195 -14.49 8.89 -10.33
N GLY B 196 -15.72 9.18 -9.90
CA GLY B 196 -15.95 10.34 -9.06
C GLY B 196 -16.30 11.58 -9.86
N SER B 197 -16.23 11.51 -11.20
CA SER B 197 -16.62 12.67 -12.01
C SER B 197 -17.70 12.22 -13.00
N LEU B 198 -17.46 11.09 -13.68
CA LEU B 198 -18.43 10.55 -14.61
C LEU B 198 -19.34 9.61 -13.84
N PRO B 199 -20.63 9.58 -14.20
CA PRO B 199 -21.57 8.67 -13.52
C PRO B 199 -21.26 7.28 -14.08
N LEU B 200 -20.96 6.33 -13.19
CA LEU B 200 -20.59 4.98 -13.56
C LEU B 200 -21.48 3.90 -12.96
N ASP B 201 -22.06 3.07 -13.82
CA ASP B 201 -22.91 1.98 -13.38
C ASP B 201 -22.43 0.70 -14.09
N PHE B 202 -21.69 -0.13 -13.36
CA PHE B 202 -21.17 -1.35 -13.97
C PHE B 202 -22.19 -2.47 -14.15
N SER B 203 -23.45 -2.21 -13.82
CA SER B 203 -24.45 -3.25 -14.01
C SER B 203 -25.25 -2.92 -15.29
N ARG B 204 -25.05 -1.71 -15.80
CA ARG B 204 -25.72 -1.27 -17.02
C ARG B 204 -24.64 -1.04 -18.06
N LEU B 205 -23.39 -1.17 -17.63
CA LEU B 205 -22.24 -0.98 -18.50
C LEU B 205 -21.35 -2.20 -18.37
N GLU B 206 -21.14 -2.91 -19.47
CA GLU B 206 -20.30 -4.10 -19.45
C GLU B 206 -18.85 -3.73 -19.31
N VAL B 207 -18.21 -4.26 -18.26
CA VAL B 207 -16.81 -3.98 -17.98
C VAL B 207 -16.16 -5.23 -17.42
N ASP B 208 -14.92 -5.50 -17.81
CA ASP B 208 -14.19 -6.65 -17.32
C ASP B 208 -13.40 -6.27 -16.08
N TYR B 209 -12.53 -5.28 -16.22
CA TYR B 209 -11.68 -4.80 -15.12
C TYR B 209 -11.67 -3.27 -15.10
N TYR B 210 -11.91 -2.67 -13.93
CA TYR B 210 -11.94 -1.21 -13.81
C TYR B 210 -11.15 -0.74 -12.55
N ALA B 211 -9.97 -0.13 -12.76
CA ALA B 211 -9.13 0.33 -11.66
C ALA B 211 -9.36 1.81 -11.35
N PHE B 212 -9.37 2.17 -10.05
CA PHE B 212 -9.59 3.56 -9.66
C PHE B 212 -8.90 3.92 -8.34
N THR B 213 -8.97 5.20 -7.96
CA THR B 213 -8.37 5.65 -6.69
C THR B 213 -9.39 6.54 -6.00
N GLY B 214 -9.23 6.74 -4.70
CA GLY B 214 -10.17 7.58 -4.01
C GLY B 214 -9.68 9.00 -3.76
N HIS B 215 -8.41 9.28 -4.03
CA HIS B 215 -7.82 10.59 -3.72
C HIS B 215 -7.90 11.72 -4.73
N ALA B 216 -8.48 11.44 -5.90
CA ALA B 216 -8.62 12.45 -6.94
C ALA B 216 -10.05 13.00 -6.88
N TRP B 217 -10.87 12.74 -7.89
CA TRP B 217 -12.24 13.26 -7.90
C TRP B 217 -13.15 12.87 -6.70
N PHE B 218 -12.94 11.72 -6.06
CA PHE B 218 -13.73 11.34 -4.88
C PHE B 218 -13.30 12.18 -3.66
N ALA B 219 -12.19 12.90 -3.79
CA ALA B 219 -11.68 13.74 -2.70
C ALA B 219 -11.32 13.03 -1.39
N GLY B 220 -10.91 11.77 -1.45
CA GLY B 220 -10.50 11.08 -0.24
C GLY B 220 -9.02 11.39 0.00
N PRO B 221 -8.40 10.84 1.05
CA PRO B 221 -6.98 11.10 1.33
C PRO B 221 -6.06 10.28 0.44
N ALA B 222 -4.82 10.74 0.23
CA ALA B 222 -3.84 9.98 -0.58
C ALA B 222 -3.57 8.65 0.12
N GLY B 223 -3.57 7.57 -0.65
CA GLY B 223 -3.30 6.26 -0.05
C GLY B 223 -4.40 5.19 -0.08
N VAL B 224 -5.56 5.52 -0.62
CA VAL B 224 -6.64 4.52 -0.67
C VAL B 224 -7.30 4.51 -2.05
N GLY B 225 -7.38 3.32 -2.65
CA GLY B 225 -7.98 3.16 -3.97
C GLY B 225 -8.74 1.85 -4.03
N GLY B 226 -9.10 1.41 -5.24
CA GLY B 226 -9.84 0.17 -5.37
C GLY B 226 -9.84 -0.39 -6.80
N LEU B 227 -10.36 -1.60 -6.97
CA LEU B 227 -10.40 -2.27 -8.27
C LEU B 227 -11.69 -3.09 -8.44
N TYR B 228 -12.29 -3.02 -9.62
CA TYR B 228 -13.48 -3.78 -9.87
C TYR B 228 -13.20 -4.90 -10.87
N ILE B 229 -13.66 -6.11 -10.55
CA ILE B 229 -13.47 -7.25 -11.44
C ILE B 229 -14.81 -7.94 -11.60
N HIS B 230 -15.29 -8.05 -12.84
CA HIS B 230 -16.56 -8.70 -13.10
C HIS B 230 -16.44 -10.14 -12.59
N GLY B 231 -17.51 -10.65 -12.01
CA GLY B 231 -17.51 -12.01 -11.52
C GLY B 231 -17.06 -13.07 -12.52
N ASP B 232 -17.35 -12.87 -13.81
CA ASP B 232 -16.94 -13.86 -14.80
C ASP B 232 -15.46 -13.87 -15.12
N CYS B 233 -14.75 -12.82 -14.72
CA CYS B 233 -13.32 -12.72 -14.99
C CYS B 233 -12.47 -13.04 -13.79
N LEU B 234 -13.09 -13.14 -12.62
CA LEU B 234 -12.34 -13.41 -11.40
C LEU B 234 -11.39 -14.61 -11.51
N GLY B 235 -11.91 -15.71 -12.04
CA GLY B 235 -11.12 -16.93 -12.19
C GLY B 235 -9.83 -16.78 -12.98
N GLU B 236 -9.85 -15.91 -13.99
CA GLU B 236 -8.68 -15.68 -14.85
C GLU B 236 -7.53 -14.93 -14.16
N ILE B 237 -7.83 -14.31 -13.03
CA ILE B 237 -6.82 -13.54 -12.32
C ILE B 237 -6.25 -14.26 -11.11
N ASN B 238 -5.03 -14.75 -11.25
CA ASN B 238 -4.34 -15.45 -10.17
C ASN B 238 -3.77 -14.41 -9.17
N PRO B 239 -3.97 -14.62 -7.85
CA PRO B 239 -3.41 -13.65 -6.91
C PRO B 239 -1.88 -13.66 -7.10
N THR B 240 -1.25 -12.52 -6.91
CA THR B 240 0.19 -12.38 -7.07
C THR B 240 0.72 -11.91 -5.72
N TYR B 241 0.66 -10.61 -5.45
CA TYR B 241 1.09 -10.15 -4.13
C TYR B 241 0.00 -10.56 -3.14
N VAL B 242 0.34 -11.43 -2.21
CA VAL B 242 -0.63 -11.87 -1.21
C VAL B 242 -0.10 -11.79 0.20
N GLY B 243 -1.01 -11.96 1.16
CA GLY B 243 -0.64 -11.90 2.56
C GLY B 243 -1.72 -12.47 3.46
N TRP B 244 -1.68 -12.15 4.75
CA TRP B 244 -2.67 -12.70 5.68
C TRP B 244 -4.09 -12.26 5.39
N ARG B 245 -4.25 -11.18 4.63
CA ARG B 245 -5.60 -10.73 4.27
C ARG B 245 -6.11 -11.42 2.98
N SER B 246 -5.25 -12.21 2.32
CA SER B 246 -5.64 -12.87 1.06
C SER B 246 -6.27 -14.24 1.21
N ILE B 247 -6.10 -14.87 2.37
CA ILE B 247 -6.58 -16.23 2.56
C ILE B 247 -7.58 -16.55 3.69
N THR B 248 -8.02 -17.80 3.69
CA THR B 248 -8.88 -18.32 4.73
C THR B 248 -7.91 -19.20 5.56
N TYR B 249 -8.28 -19.50 6.79
CA TYR B 249 -7.44 -20.27 7.70
C TYR B 249 -8.00 -21.58 8.22
N GLY B 250 -7.10 -22.48 8.59
CA GLY B 250 -7.51 -23.78 9.12
C GLY B 250 -7.46 -23.87 10.64
N ALA B 251 -7.74 -25.08 11.13
CA ALA B 251 -7.77 -25.37 12.57
C ALA B 251 -6.49 -24.97 13.32
N LYS B 252 -5.33 -25.17 12.69
CA LYS B 252 -4.07 -24.80 13.32
C LYS B 252 -3.54 -23.44 12.88
N GLY B 253 -4.38 -22.66 12.19
CA GLY B 253 -3.97 -21.34 11.72
C GLY B 253 -3.25 -21.32 10.37
N GLU B 254 -3.26 -22.46 9.68
CA GLU B 254 -2.60 -22.55 8.39
C GLU B 254 -3.51 -22.12 7.24
N PRO B 255 -2.93 -21.70 6.10
CA PRO B 255 -3.69 -21.27 4.91
C PRO B 255 -4.46 -22.45 4.33
N THR B 256 -5.74 -22.24 4.02
CA THR B 256 -6.55 -23.31 3.47
C THR B 256 -7.23 -22.96 2.13
N GLY B 257 -7.03 -21.73 1.65
CA GLY B 257 -7.64 -21.33 0.40
C GLY B 257 -7.69 -19.81 0.27
N TRP B 258 -8.29 -19.32 -0.81
CA TRP B 258 -8.36 -17.90 -1.03
C TRP B 258 -9.55 -17.27 -0.32
N ALA B 259 -9.35 -16.05 0.16
CA ALA B 259 -10.43 -15.34 0.82
C ALA B 259 -11.52 -15.08 -0.23
N GLU B 260 -12.74 -14.82 0.20
CA GLU B 260 -13.87 -14.56 -0.69
C GLU B 260 -13.73 -13.35 -1.61
N GLY B 261 -14.19 -13.51 -2.85
CA GLY B 261 -14.17 -12.43 -3.83
C GLY B 261 -12.86 -11.66 -4.01
N GLY B 262 -12.97 -10.34 -4.03
CA GLY B 262 -11.81 -9.47 -4.22
C GLY B 262 -10.84 -9.39 -3.05
N LYS B 263 -11.21 -9.94 -1.90
CA LYS B 263 -10.35 -9.92 -0.73
C LYS B 263 -9.03 -10.65 -0.96
N ARG B 264 -9.02 -11.62 -1.88
CA ARG B 264 -7.82 -12.42 -2.18
C ARG B 264 -6.68 -11.61 -2.77
N PHE B 265 -6.98 -10.40 -3.24
CA PHE B 265 -5.95 -9.52 -3.80
C PHE B 265 -5.53 -8.44 -2.81
N GLU B 266 -5.94 -8.56 -1.55
CA GLU B 266 -5.59 -7.60 -0.51
C GLU B 266 -4.44 -8.26 0.28
N VAL B 267 -3.43 -7.47 0.60
CA VAL B 267 -2.25 -8.05 1.23
C VAL B 267 -2.13 -8.14 2.75
N ALA B 268 -1.98 -7.00 3.41
CA ALA B 268 -1.79 -7.03 4.85
C ALA B 268 -2.08 -5.68 5.52
N THR B 269 -1.37 -5.34 6.60
CA THR B 269 -1.65 -4.09 7.32
C THR B 269 -1.64 -2.85 6.41
N SER B 270 -2.69 -2.05 6.53
CA SER B 270 -2.85 -0.82 5.76
C SER B 270 -3.18 0.35 6.68
N ALA B 271 -3.20 1.56 6.14
CA ALA B 271 -3.51 2.76 6.94
C ALA B 271 -5.03 2.87 7.15
N TYR B 272 -5.57 2.04 8.03
CA TYR B 272 -7.02 2.00 8.28
C TYR B 272 -7.71 3.33 8.48
N PRO B 273 -7.09 4.23 9.25
CA PRO B 273 -7.75 5.52 9.45
C PRO B 273 -8.03 6.21 8.13
N GLN B 274 -7.19 5.97 7.12
CA GLN B 274 -7.40 6.59 5.80
C GLN B 274 -8.68 6.02 5.17
N TYR B 275 -8.98 4.76 5.48
CA TYR B 275 -10.16 4.10 4.95
C TYR B 275 -11.39 4.86 5.44
N ALA B 276 -11.41 5.19 6.73
CA ALA B 276 -12.53 5.94 7.30
C ALA B 276 -12.64 7.30 6.61
N GLY B 277 -11.51 7.86 6.21
CA GLY B 277 -11.53 9.12 5.52
C GLY B 277 -12.23 9.00 4.17
N LEU B 278 -11.86 8.00 3.36
CA LEU B 278 -12.49 7.83 2.06
C LEU B 278 -14.01 7.55 2.19
N LEU B 279 -14.38 6.75 3.18
CA LEU B 279 -15.78 6.44 3.42
C LEU B 279 -16.55 7.75 3.62
N ALA B 280 -16.04 8.61 4.50
CA ALA B 280 -16.70 9.89 4.76
C ALA B 280 -16.81 10.77 3.52
N ALA B 281 -15.76 10.80 2.71
CA ALA B 281 -15.79 11.59 1.48
C ALA B 281 -16.82 11.02 0.50
N LEU B 282 -16.88 9.69 0.39
CA LEU B 282 -17.85 9.07 -0.49
C LEU B 282 -19.28 9.43 -0.08
N GLN B 283 -19.57 9.34 1.21
CA GLN B 283 -20.91 9.65 1.68
C GLN B 283 -21.24 11.12 1.52
N LEU B 284 -20.23 11.98 1.59
CA LEU B 284 -20.46 13.40 1.43
C LEU B 284 -20.90 13.73 0.02
N HIS B 285 -20.38 13.00 -0.95
CA HIS B 285 -20.76 13.26 -2.34
C HIS B 285 -22.19 12.86 -2.65
N GLN B 286 -22.69 11.84 -1.98
CA GLN B 286 -24.06 11.41 -2.21
C GLN B 286 -25.02 12.41 -1.58
N ARG B 287 -24.58 13.10 -0.53
CA ARG B 287 -25.43 14.11 0.09
C ARG B 287 -25.49 15.39 -0.75
N GLN B 288 -24.58 15.52 -1.72
CA GLN B 288 -24.55 16.71 -2.57
C GLN B 288 -25.46 16.55 -3.80
N GLY B 289 -25.89 15.33 -4.07
CA GLY B 289 -26.75 15.09 -5.21
C GLY B 289 -26.35 13.79 -5.86
N THR B 290 -27.07 13.38 -6.89
CA THR B 290 -26.76 12.13 -7.57
C THR B 290 -25.52 12.27 -8.44
N ALA B 291 -24.95 11.15 -8.87
CA ALA B 291 -23.76 11.19 -9.70
C ALA B 291 -24.03 11.99 -10.97
N GLU B 292 -25.24 11.84 -11.51
CA GLU B 292 -25.65 12.53 -12.72
C GLU B 292 -25.69 14.04 -12.54
N GLU B 293 -26.25 14.50 -11.43
CA GLU B 293 -26.35 15.96 -11.19
C GLU B 293 -24.96 16.56 -11.00
N ARG B 294 -24.08 15.82 -10.33
CA ARG B 294 -22.72 16.29 -10.10
C ARG B 294 -21.95 16.37 -11.41
N TYR B 295 -22.21 15.40 -12.29
CA TYR B 295 -21.54 15.37 -13.58
C TYR B 295 -21.96 16.59 -14.43
N GLN B 296 -23.27 16.89 -14.47
CA GLN B 296 -23.74 18.04 -15.24
C GLN B 296 -23.19 19.33 -14.65
N ALA B 297 -23.13 19.41 -13.33
CA ALA B 297 -22.60 20.58 -12.66
C ALA B 297 -21.14 20.74 -13.07
N ILE B 298 -20.42 19.63 -13.09
CA ILE B 298 -19.02 19.65 -13.51
C ILE B 298 -18.93 20.17 -14.97
N CYS B 299 -19.79 19.64 -15.84
CA CYS B 299 -19.77 20.05 -17.24
C CYS B 299 -20.13 21.51 -17.48
N GLN B 300 -20.99 22.07 -16.63
CA GLN B 300 -21.38 23.48 -16.77
C GLN B 300 -20.16 24.32 -16.44
N ARG B 301 -19.41 23.90 -15.42
CA ARG B 301 -18.22 24.66 -15.04
C ARG B 301 -17.10 24.48 -16.06
N SER B 302 -16.93 23.28 -16.59
CA SER B 302 -15.85 23.09 -17.56
C SER B 302 -16.16 23.85 -18.85
N GLU B 303 -17.43 23.88 -19.26
CA GLU B 303 -17.79 24.61 -20.48
C GLU B 303 -17.61 26.11 -20.27
N PHE B 304 -17.98 26.59 -19.09
CA PHE B 304 -17.82 27.99 -18.76
C PHE B 304 -16.33 28.37 -18.91
N LEU B 305 -15.43 27.55 -18.36
CA LEU B 305 -14.00 27.81 -18.46
C LEU B 305 -13.53 27.71 -19.90
N TRP B 306 -13.97 26.63 -20.56
CA TRP B 306 -13.62 26.37 -21.96
C TRP B 306 -14.00 27.57 -22.81
N ARG B 307 -15.23 28.04 -22.63
CA ARG B 307 -15.72 29.19 -23.37
C ARG B 307 -14.85 30.40 -23.07
N GLY B 308 -14.53 30.63 -21.78
CA GLY B 308 -13.69 31.75 -21.40
C GLY B 308 -12.31 31.71 -22.07
N LEU B 309 -11.75 30.51 -22.18
CA LEU B 309 -10.44 30.35 -22.81
C LEU B 309 -10.49 30.60 -24.31
N ASN B 310 -11.61 30.27 -24.94
CA ASN B 310 -11.76 30.49 -26.39
C ASN B 310 -11.73 31.99 -26.70
N GLN B 311 -12.17 32.82 -25.76
CA GLN B 311 -12.17 34.26 -25.96
C GLN B 311 -10.76 34.86 -25.89
N LEU B 312 -9.90 34.27 -25.05
CA LEU B 312 -8.52 34.73 -24.91
C LEU B 312 -7.78 34.48 -26.22
N PRO B 313 -7.33 35.55 -26.88
CA PRO B 313 -6.61 35.44 -28.15
C PRO B 313 -5.35 34.58 -28.23
N HIS B 314 -4.60 34.49 -27.13
CA HIS B 314 -3.35 33.72 -27.12
C HIS B 314 -3.43 32.35 -26.45
N VAL B 315 -4.65 31.91 -26.17
CA VAL B 315 -4.87 30.61 -25.55
C VAL B 315 -5.58 29.72 -26.56
N HIS B 316 -5.21 28.45 -26.60
CA HIS B 316 -5.83 27.54 -27.53
C HIS B 316 -6.16 26.20 -26.93
N CYS B 317 -7.45 25.96 -26.79
CA CYS B 317 -7.94 24.71 -26.24
C CYS B 317 -7.73 23.57 -27.22
N LEU B 318 -7.43 22.39 -26.71
CA LEU B 318 -7.24 21.22 -27.56
C LEU B 318 -8.57 20.74 -28.13
N ALA B 319 -9.63 20.85 -27.32
CA ALA B 319 -10.98 20.44 -27.71
C ALA B 319 -11.69 21.54 -28.50
N THR B 320 -12.19 21.20 -29.69
CA THR B 320 -12.89 22.17 -30.52
C THR B 320 -14.38 22.25 -30.19
N SER B 321 -14.83 21.31 -29.36
CA SER B 321 -16.20 21.28 -28.87
C SER B 321 -16.12 21.26 -27.35
N ALA B 322 -17.24 21.56 -26.69
CA ALA B 322 -17.30 21.58 -25.24
C ALA B 322 -16.76 20.30 -24.63
N PRO B 323 -15.97 20.43 -23.54
CA PRO B 323 -15.39 19.28 -22.85
C PRO B 323 -16.48 18.29 -22.44
N GLN B 324 -16.17 17.00 -22.53
CA GLN B 324 -17.13 15.96 -22.18
C GLN B 324 -17.09 15.67 -20.69
N ALA B 325 -16.08 16.17 -20.00
CA ALA B 325 -15.94 15.96 -18.55
C ALA B 325 -15.34 17.21 -17.92
N GLY B 326 -14.70 17.04 -16.76
CA GLY B 326 -14.14 18.19 -16.06
C GLY B 326 -12.74 18.64 -16.42
N LEU B 327 -12.08 17.93 -17.32
CA LEU B 327 -10.70 18.26 -17.75
C LEU B 327 -10.64 19.18 -18.95
N VAL B 328 -9.92 20.29 -18.83
CA VAL B 328 -9.80 21.24 -19.93
C VAL B 328 -8.33 21.50 -20.22
N SER B 329 -7.85 21.01 -21.37
CA SER B 329 -6.45 21.20 -21.73
C SER B 329 -6.28 22.28 -22.78
N PHE B 330 -5.17 23.01 -22.70
CA PHE B 330 -4.92 24.10 -23.63
C PHE B 330 -3.44 24.49 -23.69
N THR B 331 -3.07 25.19 -24.75
CA THR B 331 -1.70 25.68 -24.89
C THR B 331 -1.73 27.21 -24.80
N VAL B 332 -0.57 27.80 -24.58
CA VAL B 332 -0.47 29.24 -24.49
C VAL B 332 0.61 29.74 -25.43
N ASP B 333 0.26 30.71 -26.26
CA ASP B 333 1.22 31.27 -27.21
C ASP B 333 2.09 32.23 -26.40
N SER B 334 3.31 31.79 -26.09
CA SER B 334 4.23 32.60 -25.31
C SER B 334 5.63 32.03 -25.31
N PRO B 335 6.64 32.88 -25.19
CA PRO B 335 8.04 32.43 -25.18
C PRO B 335 8.42 31.74 -23.86
N LEU B 336 7.65 32.03 -22.82
CA LEU B 336 7.92 31.45 -21.51
C LEU B 336 7.92 29.92 -21.44
N GLY B 337 6.96 29.28 -22.10
CA GLY B 337 6.90 27.82 -22.02
C GLY B 337 5.90 27.45 -20.93
N HIS B 338 5.17 26.37 -21.13
CA HIS B 338 4.13 25.91 -20.19
C HIS B 338 4.59 25.66 -18.75
N ARG B 339 5.77 25.11 -18.58
CA ARG B 339 6.28 24.83 -17.25
C ARG B 339 6.44 26.13 -16.45
N ALA B 340 7.00 27.17 -17.06
CA ALA B 340 7.19 28.43 -16.34
C ALA B 340 5.84 29.09 -16.09
N ILE B 341 4.88 28.86 -16.99
CA ILE B 341 3.57 29.47 -16.82
C ILE B 341 2.80 28.85 -15.64
N VAL B 342 2.94 27.55 -15.46
CA VAL B 342 2.27 26.89 -14.34
C VAL B 342 2.91 27.34 -13.00
N GLN B 343 4.21 27.62 -13.01
CA GLN B 343 4.89 28.07 -11.79
C GLN B 343 4.47 29.50 -11.38
N LYS B 344 4.35 30.40 -12.35
CA LYS B 344 3.93 31.79 -12.16
C LYS B 344 2.52 31.74 -11.54
N LEU B 345 1.66 30.91 -12.14
CA LEU B 345 0.30 30.75 -11.65
C LEU B 345 0.27 30.27 -10.21
N GLU B 346 1.09 29.26 -9.89
CA GLU B 346 1.15 28.77 -8.52
C GLU B 346 1.69 29.86 -7.58
N GLU B 347 2.53 30.76 -8.10
CA GLU B 347 3.05 31.85 -7.28
C GLU B 347 1.89 32.75 -6.82
N GLN B 348 0.82 32.74 -7.59
CA GLN B 348 -0.36 33.54 -7.27
C GLN B 348 -1.46 32.67 -6.67
N ARG B 349 -1.08 31.48 -6.20
CA ARG B 349 -1.99 30.52 -5.59
C ARG B 349 -3.11 30.04 -6.52
N ILE B 350 -2.73 29.89 -7.78
CA ILE B 350 -3.62 29.38 -8.82
C ILE B 350 -2.97 28.05 -9.20
N TYR B 351 -3.70 26.95 -9.00
CA TYR B 351 -3.15 25.60 -9.24
C TYR B 351 -3.62 24.75 -10.40
N LEU B 352 -2.78 24.64 -11.42
CA LEU B 352 -3.04 23.79 -12.60
C LEU B 352 -1.77 22.92 -12.78
N ARG B 353 -1.71 22.13 -13.85
CA ARG B 353 -0.52 21.32 -14.07
C ARG B 353 -0.12 21.27 -15.53
N THR B 354 1.14 20.92 -15.74
CA THR B 354 1.67 20.77 -17.10
C THR B 354 1.43 19.33 -17.54
N ILE B 355 1.34 19.11 -18.84
CA ILE B 355 1.14 17.75 -19.39
C ILE B 355 2.29 17.54 -20.35
N ALA B 356 2.98 16.42 -20.22
CA ALA B 356 4.12 16.12 -21.09
C ALA B 356 3.77 15.86 -22.55
N ASP B 357 2.74 15.04 -22.79
CA ASP B 357 2.33 14.69 -24.15
C ASP B 357 0.81 14.58 -24.33
N PRO B 358 0.24 15.50 -25.11
CA PRO B 358 1.00 16.57 -25.75
C PRO B 358 1.46 17.64 -24.75
N ASP B 359 2.37 18.49 -25.18
CA ASP B 359 2.89 19.58 -24.35
C ASP B 359 1.82 20.66 -24.15
N CYS B 360 1.11 20.61 -23.03
CA CYS B 360 0.05 21.58 -22.74
C CYS B 360 -0.14 21.81 -21.24
N ILE B 361 -1.17 22.59 -20.89
CA ILE B 361 -1.50 22.88 -19.51
C ILE B 361 -2.92 22.33 -19.33
N ARG B 362 -3.24 21.81 -18.14
CA ARG B 362 -4.57 21.23 -17.87
C ARG B 362 -5.26 21.79 -16.63
N ALA B 363 -6.53 22.16 -16.76
CA ALA B 363 -7.28 22.65 -15.61
C ALA B 363 -8.36 21.61 -15.29
N CYS B 364 -8.65 21.38 -14.02
CA CYS B 364 -9.71 20.44 -13.65
C CYS B 364 -10.81 21.23 -12.96
N CYS B 365 -12.05 21.11 -13.44
CA CYS B 365 -13.19 21.82 -12.82
C CYS B 365 -14.09 20.81 -12.13
N HIS B 366 -14.33 20.99 -10.83
CA HIS B 366 -15.21 20.08 -10.12
C HIS B 366 -16.54 20.77 -9.86
N TYR B 367 -17.51 20.05 -9.32
CA TYR B 367 -18.83 20.63 -9.07
C TYR B 367 -18.82 21.69 -7.98
N ILE B 368 -17.75 21.71 -7.18
CA ILE B 368 -17.64 22.70 -6.13
C ILE B 368 -16.94 23.95 -6.68
N THR B 369 -16.38 23.84 -7.88
CA THR B 369 -15.70 24.99 -8.49
C THR B 369 -16.75 26.06 -8.80
N ASP B 370 -16.36 27.33 -8.66
CA ASP B 370 -17.30 28.43 -8.94
C ASP B 370 -16.78 29.40 -10.01
N GLU B 371 -17.69 30.21 -10.52
CA GLU B 371 -17.40 31.19 -11.56
C GLU B 371 -16.33 32.21 -11.19
N GLU B 372 -16.25 32.58 -9.92
CA GLU B 372 -15.25 33.55 -9.48
C GLU B 372 -13.84 32.97 -9.68
N GLU B 373 -13.63 31.73 -9.25
CA GLU B 373 -12.32 31.06 -9.42
C GLU B 373 -11.95 30.98 -10.92
N ILE B 374 -12.91 30.59 -11.75
CA ILE B 374 -12.68 30.51 -13.18
C ILE B 374 -12.35 31.90 -13.74
N ASN B 375 -13.09 32.94 -13.37
CA ASN B 375 -12.79 34.29 -13.89
C ASN B 375 -11.39 34.72 -13.43
N HIS B 376 -11.03 34.36 -12.20
CA HIS B 376 -9.74 34.72 -11.67
C HIS B 376 -8.62 34.05 -12.46
N LEU B 377 -8.88 32.82 -12.93
CA LEU B 377 -7.90 32.07 -13.73
C LEU B 377 -7.74 32.78 -15.07
N LEU B 378 -8.88 33.04 -15.70
CA LEU B 378 -8.93 33.73 -16.99
C LEU B 378 -8.24 35.09 -16.91
N ALA B 379 -8.43 35.79 -15.80
CA ALA B 379 -7.84 37.11 -15.63
C ALA B 379 -6.33 37.01 -15.65
N ARG B 380 -5.80 36.03 -14.93
CA ARG B 380 -4.36 35.88 -14.87
C ARG B 380 -3.78 35.32 -16.18
N LEU B 381 -4.46 34.37 -16.79
CA LEU B 381 -3.97 33.81 -18.04
C LEU B 381 -3.83 34.89 -19.12
N ALA B 382 -4.66 35.92 -19.01
CA ALA B 382 -4.68 37.02 -19.96
C ALA B 382 -3.39 37.82 -20.09
N ASP B 383 -2.52 37.72 -19.08
CA ASP B 383 -1.26 38.45 -19.12
C ASP B 383 -0.15 37.84 -19.97
N PHE B 384 -0.38 36.63 -20.49
CA PHE B 384 0.64 35.98 -21.30
C PHE B 384 0.34 36.18 -22.79
N GLY B 385 1.40 36.35 -23.59
CA GLY B 385 1.23 36.56 -25.02
C GLY B 385 2.50 36.45 -25.80
N PRO B 386 2.42 36.31 -27.14
CA PRO B 386 3.60 36.18 -28.01
C PRO B 386 4.30 37.50 -28.26
K K C . 4.94 -21.53 36.74
N1 PLP D . 5.65 -11.78 9.75
C2 PLP D . 5.67 -12.06 11.09
C2A PLP D . 6.80 -12.96 11.64
C3 PLP D . 4.69 -11.51 11.92
O3 PLP D . 4.70 -11.77 13.27
C4 PLP D . 3.67 -10.69 11.32
C4A PLP D . 2.55 -10.09 12.20
C5 PLP D . 3.71 -10.44 9.92
C6 PLP D . 4.70 -11.00 9.17
C5A PLP D . 2.72 -9.56 9.12
O4P PLP D . 2.94 -8.16 9.15
P PLP D . 2.15 -7.13 8.25
O1P PLP D . 2.63 -7.36 6.88
O2P PLP D . 2.95 -5.86 8.82
O3P PLP D . 0.70 -7.02 8.53
N CYS E . 2.45 -10.38 13.54
CA CYS E . 1.34 -9.83 14.32
C CYS E . 1.57 -10.40 15.70
O CYS E . 0.92 -9.97 16.66
CB CYS E . -0.03 -10.32 13.78
SG CYS E . -0.59 -9.52 12.23
OXT CYS E . 2.43 -11.29 15.78
N CYS F . -4.50 -12.67 11.17
CA CYS F . -3.06 -12.89 11.22
C CYS F . -2.60 -13.36 12.61
O CYS F . -1.50 -12.93 13.03
CB CYS F . -2.32 -11.60 10.83
SG CYS F . -2.51 -10.15 11.93
OXT CYS F . -3.33 -14.15 13.23
N CYS G . 0.64 11.56 -9.19
CA CYS G . 2.08 11.65 -9.31
C CYS G . 2.65 12.93 -8.67
O CYS G . 3.49 13.60 -9.32
CB CYS G . 2.49 11.59 -10.79
SG CYS G . 1.75 12.88 -11.84
OXT CYS G . 2.26 13.23 -7.51
K K H . -8.50 31.26 -27.89
N1 PLP I . -3.61 6.69 -14.49
C2 PLP I . -3.99 7.94 -14.93
C2A PLP I . -4.75 8.05 -16.27
C3 PLP I . -3.70 9.05 -14.17
O3 PLP I . -4.08 10.29 -14.59
C4 PLP I . -2.98 8.87 -12.94
C4A PLP I . -2.64 10.10 -12.10
C5 PLP I . -2.61 7.56 -12.53
C6 PLP I . -2.93 6.50 -13.33
C5A PLP I . -1.88 7.18 -11.25
O4P PLP I . -2.62 7.09 -10.05
P PLP I . -1.99 6.56 -8.70
O1P PLP I . -1.74 5.14 -8.89
O2P PLP I . -3.38 6.72 -7.91
O3P PLP I . -0.98 7.43 -8.11
N CYS J . -2.99 11.35 -12.53
CA CYS J . -2.68 12.54 -11.76
C CYS J . -2.93 13.73 -12.67
O CYS J . -2.46 14.84 -12.35
CB CYS J . -1.21 12.50 -11.27
SG CYS J . 0.04 12.02 -12.51
OXT CYS J . -3.64 13.52 -13.68
#